data_2Q3I
# 
_entry.id   2Q3I 
# 
_audit_conform.dict_name       mmcif_pdbx.dic 
_audit_conform.dict_version    5.398 
_audit_conform.dict_location   http://mmcif.pdb.org/dictionaries/ascii/mmcif_pdbx.dic 
# 
loop_
_database_2.database_id 
_database_2.database_code 
_database_2.pdbx_database_accession 
_database_2.pdbx_DOI 
PDB   2Q3I         pdb_00002q3i 10.2210/pdb2q3i/pdb 
RCSB  RCSB043102   ?            ?                   
WWPDB D_1000043102 ?            ?                   
# 
loop_
_pdbx_audit_revision_history.ordinal 
_pdbx_audit_revision_history.data_content_type 
_pdbx_audit_revision_history.major_revision 
_pdbx_audit_revision_history.minor_revision 
_pdbx_audit_revision_history.revision_date 
1 'Structure model' 1 0 2007-06-12 
2 'Structure model' 1 1 2008-05-01 
3 'Structure model' 1 2 2011-07-13 
4 'Structure model' 1 3 2023-08-30 
5 'Structure model' 1 4 2023-11-15 
6 'Structure model' 1 5 2024-11-13 
# 
_pdbx_audit_revision_details.ordinal             1 
_pdbx_audit_revision_details.revision_ordinal    1 
_pdbx_audit_revision_details.data_content_type   'Structure model' 
_pdbx_audit_revision_details.provider            repository 
_pdbx_audit_revision_details.type                'Initial release' 
_pdbx_audit_revision_details.description         ? 
_pdbx_audit_revision_details.details             ? 
# 
loop_
_pdbx_audit_revision_group.ordinal 
_pdbx_audit_revision_group.revision_ordinal 
_pdbx_audit_revision_group.data_content_type 
_pdbx_audit_revision_group.group 
1  2 'Structure model' 'Version format compliance' 
2  3 'Structure model' 'Atomic model'              
3  3 'Structure model' 'Database references'       
4  3 'Structure model' 'Derived calculations'      
5  3 'Structure model' 'Non-polymer description'   
6  3 'Structure model' 'Structure summary'         
7  3 'Structure model' 'Version format compliance' 
8  4 'Structure model' 'Data collection'           
9  4 'Structure model' 'Database references'       
10 4 'Structure model' 'Derived calculations'      
11 4 'Structure model' 'Refinement description'    
12 5 'Structure model' 'Data collection'           
13 6 'Structure model' 'Structure summary'         
# 
loop_
_pdbx_audit_revision_category.ordinal 
_pdbx_audit_revision_category.revision_ordinal 
_pdbx_audit_revision_category.data_content_type 
_pdbx_audit_revision_category.category 
1  4 'Structure model' chem_comp_atom                
2  4 'Structure model' chem_comp_bond                
3  4 'Structure model' database_2                    
4  4 'Structure model' pdbx_initial_refinement_model 
5  4 'Structure model' struct_conn                   
6  4 'Structure model' struct_site                   
7  5 'Structure model' chem_comp_atom                
8  5 'Structure model' chem_comp_bond                
9  6 'Structure model' pdbx_entry_details            
10 6 'Structure model' pdbx_modification_feature     
# 
loop_
_pdbx_audit_revision_item.ordinal 
_pdbx_audit_revision_item.revision_ordinal 
_pdbx_audit_revision_item.data_content_type 
_pdbx_audit_revision_item.item 
1 4 'Structure model' '_database_2.pdbx_DOI'                
2 4 'Structure model' '_database_2.pdbx_database_accession' 
3 4 'Structure model' '_struct_conn.pdbx_leaving_atom_flag' 
4 4 'Structure model' '_struct_site.pdbx_auth_asym_id'      
5 4 'Structure model' '_struct_site.pdbx_auth_comp_id'      
6 4 'Structure model' '_struct_site.pdbx_auth_seq_id'       
7 5 'Structure model' '_chem_comp_atom.atom_id'             
8 5 'Structure model' '_chem_comp_bond.atom_id_2'           
# 
_pdbx_database_status.status_code                     REL 
_pdbx_database_status.entry_id                        2Q3I 
_pdbx_database_status.recvd_initial_deposition_date   2007-05-30 
_pdbx_database_status.deposit_site                    RCSB 
_pdbx_database_status.process_site                    RCSB 
_pdbx_database_status.status_code_sf                  REL 
_pdbx_database_status.status_code_mr                  ? 
_pdbx_database_status.SG_entry                        ? 
_pdbx_database_status.status_code_cs                  ? 
_pdbx_database_status.pdb_format_compatible           Y 
_pdbx_database_status.status_code_nmr_data            ? 
_pdbx_database_status.methods_development_category    ? 
# 
_pdbx_database_related.db_name        PDB 
_pdbx_database_related.db_id          1CZQ 
_pdbx_database_related.details        . 
_pdbx_database_related.content_type   unspecified 
# 
loop_
_audit_author.name 
_audit_author.pdbx_ordinal 
'Malashkevich, V.N.' 1 
'Eckert, D.M.'       2 
'Hong, L.H.'         3 
'Carr, P.A.'         4 
'Kim, P.S.'          5 
# 
loop_
_citation.id 
_citation.title 
_citation.journal_abbrev 
_citation.journal_volume 
_citation.page_first 
_citation.page_last 
_citation.year 
_citation.journal_id_ASTM 
_citation.country 
_citation.journal_id_ISSN 
_citation.journal_id_CSD 
_citation.book_publisher 
_citation.pdbx_database_id_PubMed 
_citation.pdbx_database_id_DOI 
primary 'Inhibiting HIV Entry: Discovery of D-Peptide Inhibitors that Target the Gp41 Coiled-Coil Pocket' 'Cell(Cambridge,Mass.)' 
99  103 105 1999 CELLB5 US 0092-8674 0998 ? 10520998 '10.1016/S0092-8674(00)80066-5' 
1       'Crystal Structure of GCN4-Piqi, a Trimeric Coiled-Coil with Buried Polar Residues.'              J.Mol.Biol.             
284 859 865 1998 JMOBAK UK 0022-2836 0070 ? ?        ?                               
2       'Core structure of gp41 from the HIV envelope glycoprotein'                                       'Cell(Cambridge,Mass.)' 
89  263 273 1997 CELLB5 US 0092-8674 0998 ? ?        ?                               
# 
loop_
_citation_author.citation_id 
_citation_author.name 
_citation_author.ordinal 
_citation_author.identifier_ORCID 
primary 'Eckert, D.M.'       1  ? 
primary 'Malashkevich, V.N.' 2  ? 
primary 'Hong, L.H.'         3  ? 
primary 'Carr, P.A.'         4  ? 
primary 'Kim, P.S.'          5  ? 
1       'Eckert, D.M.'       6  ? 
1       'Malashkevich, V.N.' 7  ? 
1       'Kim, P.S.'          8  ? 
2       'Chan, D.C.'         9  ? 
2       'Fass, D.'           10 ? 
2       'Berger, J.M.'       11 ? 
2       'Kim, P.S.'          12 ? 
# 
loop_
_entity.id 
_entity.type 
_entity.src_method 
_entity.pdbx_description 
_entity.formula_weight 
_entity.pdbx_number_of_molecules 
_entity.pdbx_ec 
_entity.pdbx_mutation 
_entity.pdbx_fragment 
_entity.details 
1 polymer     syn 'Fusion protein between the Coiled-Coil pocket of HIV GP41 and gcn4-PIQI' 5468.566 1   ? ? ? ? 
2 polymer     syn D-peptide                                                                 1766.993 1   ? ? ? ? 
3 non-polymer syn 'CHLORIDE ION'                                                            35.453   1   ? ? ? ? 
4 water       nat water                                                                     18.015   154 ? ? ? ? 
# 
loop_
_entity_poly.entity_id 
_entity_poly.type 
_entity_poly.nstd_linkage 
_entity_poly.nstd_monomer 
_entity_poly.pdbx_seq_one_letter_code 
_entity_poly.pdbx_seq_one_letter_code_can 
_entity_poly.pdbx_strand_id 
_entity_poly.pdbx_target_identifier 
1 'polypeptide(L)' no yes '(ACE)RMKQIEDKIEEIESKQKKIENEIARIKKLLQLTVWGIKQLQARIL'                        
XRMKQIEDKIEEIESKQKKIENEIARIKKLLQLTVWGIKQLQARIL A ? 
2 'polypeptide(L)' no yes '(ACE)G(DAL)(DCY)G(DLE)G(DGN)(DGL)(DGL)(DTR)(DPN)(DTR)(DLE)(DCY)(DAL)(DAL)' XGACGLGQEEWFWLCAA D ? 
# 
loop_
_pdbx_entity_nonpoly.entity_id 
_pdbx_entity_nonpoly.name 
_pdbx_entity_nonpoly.comp_id 
3 'CHLORIDE ION' CL  
4 water          HOH 
# 
loop_
_entity_poly_seq.entity_id 
_entity_poly_seq.num 
_entity_poly_seq.mon_id 
_entity_poly_seq.hetero 
1 1  ACE n 
1 2  ARG n 
1 3  MET n 
1 4  LYS n 
1 5  GLN n 
1 6  ILE n 
1 7  GLU n 
1 8  ASP n 
1 9  LYS n 
1 10 ILE n 
1 11 GLU n 
1 12 GLU n 
1 13 ILE n 
1 14 GLU n 
1 15 SER n 
1 16 LYS n 
1 17 GLN n 
1 18 LYS n 
1 19 LYS n 
1 20 ILE n 
1 21 GLU n 
1 22 ASN n 
1 23 GLU n 
1 24 ILE n 
1 25 ALA n 
1 26 ARG n 
1 27 ILE n 
1 28 LYS n 
1 29 LYS n 
1 30 LEU n 
1 31 LEU n 
1 32 GLN n 
1 33 LEU n 
1 34 THR n 
1 35 VAL n 
1 36 TRP n 
1 37 GLY n 
1 38 ILE n 
1 39 LYS n 
1 40 GLN n 
1 41 LEU n 
1 42 GLN n 
1 43 ALA n 
1 44 ARG n 
1 45 ILE n 
1 46 LEU n 
2 1  ACE n 
2 2  GLY n 
2 3  DAL n 
2 4  DCY n 
2 5  GLY n 
2 6  DLE n 
2 7  GLY n 
2 8  DGN n 
2 9  DGL n 
2 10 DGL n 
2 11 DTR n 
2 12 DPN n 
2 13 DTR n 
2 14 DLE n 
2 15 DCY n 
2 16 DAL n 
2 17 DAL n 
# 
loop_
_pdbx_entity_src_syn.entity_id 
_pdbx_entity_src_syn.pdbx_src_id 
_pdbx_entity_src_syn.pdbx_alt_source_flag 
_pdbx_entity_src_syn.pdbx_beg_seq_num 
_pdbx_entity_src_syn.pdbx_end_seq_num 
_pdbx_entity_src_syn.organism_scientific 
_pdbx_entity_src_syn.organism_common_name 
_pdbx_entity_src_syn.ncbi_taxonomy_id 
_pdbx_entity_src_syn.details 
1 1 sample ? ? ? ? ? 
;Peptide synthesis. GCN4-HIV gp41 fusion, called IQN17. The sequence naturally occurs in Saccharomyces cerevisiae and human immunodeficiency virus
;
2 1 sample ? ? ? ? ? 'Peptide synthesis. D-peptide found by screening.' 
# 
loop_
_chem_comp.id 
_chem_comp.type 
_chem_comp.mon_nstd_flag 
_chem_comp.name 
_chem_comp.pdbx_synonyms 
_chem_comp.formula 
_chem_comp.formula_weight 
ACE non-polymer         . 'ACETYL GROUP'    ? 'C2 H4 O'        44.053  
ALA 'L-peptide linking' y ALANINE           ? 'C3 H7 N O2'     89.093  
ARG 'L-peptide linking' y ARGININE          ? 'C6 H15 N4 O2 1' 175.209 
ASN 'L-peptide linking' y ASPARAGINE        ? 'C4 H8 N2 O3'    132.118 
ASP 'L-peptide linking' y 'ASPARTIC ACID'   ? 'C4 H7 N O4'     133.103 
CL  non-polymer         . 'CHLORIDE ION'    ? 'Cl -1'          35.453  
DAL 'D-peptide linking' . D-ALANINE         ? 'C3 H7 N O2'     89.093  
DCY 'D-peptide linking' . D-CYSTEINE        ? 'C3 H7 N O2 S'   121.158 
DGL 'D-peptide linking' . 'D-GLUTAMIC ACID' ? 'C5 H9 N O4'     147.129 
DGN 'D-peptide linking' . D-GLUTAMINE       ? 'C5 H10 N2 O3'   146.144 
DLE 'D-peptide linking' . D-LEUCINE         ? 'C6 H13 N O2'    131.173 
DPN 'D-peptide linking' . D-PHENYLALANINE   ? 'C9 H11 N O2'    165.189 
DTR 'D-peptide linking' . D-TRYPTOPHAN      ? 'C11 H12 N2 O2'  204.225 
GLN 'L-peptide linking' y GLUTAMINE         ? 'C5 H10 N2 O3'   146.144 
GLU 'L-peptide linking' y 'GLUTAMIC ACID'   ? 'C5 H9 N O4'     147.129 
GLY 'peptide linking'   y GLYCINE           ? 'C2 H5 N O2'     75.067  
HOH non-polymer         . WATER             ? 'H2 O'           18.015  
ILE 'L-peptide linking' y ISOLEUCINE        ? 'C6 H13 N O2'    131.173 
LEU 'L-peptide linking' y LEUCINE           ? 'C6 H13 N O2'    131.173 
LYS 'L-peptide linking' y LYSINE            ? 'C6 H15 N2 O2 1' 147.195 
MET 'L-peptide linking' y METHIONINE        ? 'C5 H11 N O2 S'  149.211 
SER 'L-peptide linking' y SERINE            ? 'C3 H7 N O3'     105.093 
THR 'L-peptide linking' y THREONINE         ? 'C4 H9 N O3'     119.119 
TRP 'L-peptide linking' y TRYPTOPHAN        ? 'C11 H12 N2 O2'  204.225 
VAL 'L-peptide linking' y VALINE            ? 'C5 H11 N O2'    117.146 
# 
loop_
_pdbx_poly_seq_scheme.asym_id 
_pdbx_poly_seq_scheme.entity_id 
_pdbx_poly_seq_scheme.seq_id 
_pdbx_poly_seq_scheme.mon_id 
_pdbx_poly_seq_scheme.ndb_seq_num 
_pdbx_poly_seq_scheme.pdb_seq_num 
_pdbx_poly_seq_scheme.auth_seq_num 
_pdbx_poly_seq_scheme.pdb_mon_id 
_pdbx_poly_seq_scheme.auth_mon_id 
_pdbx_poly_seq_scheme.pdb_strand_id 
_pdbx_poly_seq_scheme.pdb_ins_code 
_pdbx_poly_seq_scheme.hetero 
A 1 1  ACE 1  0  0  ACE ACE A . n 
A 1 2  ARG 2  1  1  ARG ARG A . n 
A 1 3  MET 3  2  2  MET MET A . n 
A 1 4  LYS 4  3  3  LYS LYS A . n 
A 1 5  GLN 5  4  4  GLN GLN A . n 
A 1 6  ILE 6  5  5  ILE ILE A . n 
A 1 7  GLU 7  6  6  GLU GLU A . n 
A 1 8  ASP 8  7  7  ASP ASP A . n 
A 1 9  LYS 9  8  8  LYS LYS A . n 
A 1 10 ILE 10 9  9  ILE ILE A . n 
A 1 11 GLU 11 10 10 GLU GLU A . n 
A 1 12 GLU 12 11 11 GLU GLU A . n 
A 1 13 ILE 13 12 12 ILE ILE A . n 
A 1 14 GLU 14 13 13 GLU GLU A . n 
A 1 15 SER 15 14 14 SER SER A . n 
A 1 16 LYS 16 15 15 LYS LYS A . n 
A 1 17 GLN 17 16 16 GLN GLN A . n 
A 1 18 LYS 18 17 17 LYS LYS A . n 
A 1 19 LYS 19 18 18 LYS LYS A . n 
A 1 20 ILE 20 19 19 ILE ILE A . n 
A 1 21 GLU 21 20 20 GLU GLU A . n 
A 1 22 ASN 22 21 21 ASN ASN A . n 
A 1 23 GLU 23 22 22 GLU GLU A . n 
A 1 24 ILE 24 23 23 ILE ILE A . n 
A 1 25 ALA 25 24 24 ALA ALA A . n 
A 1 26 ARG 26 25 25 ARG ARG A . n 
A 1 27 ILE 27 26 26 ILE ILE A . n 
A 1 28 LYS 28 27 27 LYS LYS A . n 
A 1 29 LYS 29 28 28 LYS LYS A . n 
A 1 30 LEU 30 29 29 LEU LEU A . n 
A 1 31 LEU 31 30 30 LEU LEU A . n 
A 1 32 GLN 32 31 31 GLN GLN A . n 
A 1 33 LEU 33 32 32 LEU LEU A . n 
A 1 34 THR 34 33 33 THR THR A . n 
A 1 35 VAL 35 34 34 VAL VAL A . n 
A 1 36 TRP 36 35 35 TRP TRP A . n 
A 1 37 GLY 37 36 36 GLY GLY A . n 
A 1 38 ILE 38 37 37 ILE ILE A . n 
A 1 39 LYS 39 38 38 LYS LYS A . n 
A 1 40 GLN 40 39 39 GLN GLN A . n 
A 1 41 LEU 41 40 40 LEU LEU A . n 
A 1 42 GLN 42 41 41 GLN GLN A . n 
A 1 43 ALA 43 42 42 ALA ALA A . n 
A 1 44 ARG 44 43 43 ARG ARG A . n 
A 1 45 ILE 45 44 44 ILE ILE A . n 
A 1 46 LEU 46 45 45 LEU LEU A . n 
B 2 1  ACE 1  0  0  ACE ACE D . n 
B 2 2  GLY 2  1  1  GLY GLY D . n 
B 2 3  DAL 3  2  2  DAL DAL D . n 
B 2 4  DCY 4  3  3  DCY DCY D . n 
B 2 5  GLY 5  4  4  GLY GLY D . n 
B 2 6  DLE 6  5  5  DLE DLE D . n 
B 2 7  GLY 7  6  6  GLY GLY D . n 
B 2 8  DGN 8  7  7  DGN DGN D . n 
B 2 9  DGL 9  8  8  DGL DGL D . n 
B 2 10 DGL 10 9  9  DGL DGL D . n 
B 2 11 DTR 11 10 10 DTR DTR D . n 
B 2 12 DPN 12 11 11 DPN DPN D . n 
B 2 13 DTR 13 12 12 DTR DTR D . n 
B 2 14 DLE 14 13 13 DLE DLE D . n 
B 2 15 DCY 15 14 14 DCY DCY D . n 
B 2 16 DAL 16 15 15 DAL DAL D . n 
B 2 17 DAL 17 16 16 DAL DAL D . n 
# 
loop_
_pdbx_nonpoly_scheme.asym_id 
_pdbx_nonpoly_scheme.entity_id 
_pdbx_nonpoly_scheme.mon_id 
_pdbx_nonpoly_scheme.ndb_seq_num 
_pdbx_nonpoly_scheme.pdb_seq_num 
_pdbx_nonpoly_scheme.auth_seq_num 
_pdbx_nonpoly_scheme.pdb_mon_id 
_pdbx_nonpoly_scheme.auth_mon_id 
_pdbx_nonpoly_scheme.pdb_strand_id 
_pdbx_nonpoly_scheme.pdb_ins_code 
C 3 CL  1   201 201 CL  CL  A . 
D 4 HOH 1   202 2   HOH HOH A . 
D 4 HOH 2   203 4   HOH HOH A . 
D 4 HOH 3   204 5   HOH HOH A . 
D 4 HOH 4   205 6   HOH HOH A . 
D 4 HOH 5   206 7   HOH HOH A . 
D 4 HOH 6   207 9   HOH HOH A . 
D 4 HOH 7   208 10  HOH HOH A . 
D 4 HOH 8   209 11  HOH HOH A . 
D 4 HOH 9   210 12  HOH HOH A . 
D 4 HOH 10  211 14  HOH HOH A . 
D 4 HOH 11  212 15  HOH HOH A . 
D 4 HOH 12  213 16  HOH HOH A . 
D 4 HOH 13  214 17  HOH HOH A . 
D 4 HOH 14  215 18  HOH HOH A . 
D 4 HOH 15  216 20  HOH HOH A . 
D 4 HOH 16  217 22  HOH HOH A . 
D 4 HOH 17  218 23  HOH HOH A . 
D 4 HOH 18  219 24  HOH HOH A . 
D 4 HOH 19  220 29  HOH HOH A . 
D 4 HOH 20  221 32  HOH HOH A . 
D 4 HOH 21  222 34  HOH HOH A . 
D 4 HOH 22  223 36  HOH HOH A . 
D 4 HOH 23  224 37  HOH HOH A . 
D 4 HOH 24  225 38  HOH HOH A . 
D 4 HOH 25  226 39  HOH HOH A . 
D 4 HOH 26  227 43  HOH HOH A . 
D 4 HOH 27  228 45  HOH HOH A . 
D 4 HOH 28  229 46  HOH HOH A . 
D 4 HOH 29  230 47  HOH HOH A . 
D 4 HOH 30  231 48  HOH HOH A . 
D 4 HOH 31  232 49  HOH HOH A . 
D 4 HOH 32  233 50  HOH HOH A . 
D 4 HOH 33  234 51  HOH HOH A . 
D 4 HOH 34  235 52  HOH HOH A . 
D 4 HOH 35  236 54  HOH HOH A . 
D 4 HOH 36  237 55  HOH HOH A . 
D 4 HOH 37  238 56  HOH HOH A . 
D 4 HOH 38  239 57  HOH HOH A . 
D 4 HOH 39  240 58  HOH HOH A . 
D 4 HOH 40  241 59  HOH HOH A . 
D 4 HOH 41  242 62  HOH HOH A . 
D 4 HOH 42  243 64  HOH HOH A . 
D 4 HOH 43  244 65  HOH HOH A . 
D 4 HOH 44  245 66  HOH HOH A . 
D 4 HOH 45  246 67  HOH HOH A . 
D 4 HOH 46  247 68  HOH HOH A . 
D 4 HOH 47  248 69  HOH HOH A . 
D 4 HOH 48  249 70  HOH HOH A . 
D 4 HOH 49  250 72  HOH HOH A . 
D 4 HOH 50  251 74  HOH HOH A . 
D 4 HOH 51  252 75  HOH HOH A . 
D 4 HOH 52  253 76  HOH HOH A . 
D 4 HOH 53  254 78  HOH HOH A . 
D 4 HOH 54  255 79  HOH HOH A . 
D 4 HOH 55  256 82  HOH HOH A . 
D 4 HOH 56  257 83  HOH HOH A . 
D 4 HOH 57  258 84  HOH HOH A . 
D 4 HOH 58  259 85  HOH HOH A . 
D 4 HOH 59  260 86  HOH HOH A . 
D 4 HOH 60  261 87  HOH HOH A . 
D 4 HOH 61  262 92  HOH HOH A . 
D 4 HOH 62  263 93  HOH HOH A . 
D 4 HOH 63  264 94  HOH HOH A . 
D 4 HOH 64  265 96  HOH HOH A . 
D 4 HOH 65  266 97  HOH HOH A . 
D 4 HOH 66  267 98  HOH HOH A . 
D 4 HOH 67  268 99  HOH HOH A . 
D 4 HOH 68  269 103 HOH HOH A . 
D 4 HOH 69  270 104 HOH HOH A . 
D 4 HOH 70  271 105 HOH HOH A . 
D 4 HOH 71  272 106 HOH HOH A . 
D 4 HOH 72  273 107 HOH HOH A . 
D 4 HOH 73  274 108 HOH HOH A . 
D 4 HOH 74  275 109 HOH HOH A . 
D 4 HOH 75  276 110 HOH HOH A . 
D 4 HOH 76  277 111 HOH HOH A . 
D 4 HOH 77  278 112 HOH HOH A . 
D 4 HOH 78  279 113 HOH HOH A . 
D 4 HOH 79  280 114 HOH HOH A . 
D 4 HOH 80  281 115 HOH HOH A . 
D 4 HOH 81  282 116 HOH HOH A . 
D 4 HOH 82  283 117 HOH HOH A . 
D 4 HOH 83  284 127 HOH HOH A . 
D 4 HOH 84  285 131 HOH HOH A . 
D 4 HOH 85  286 132 HOH HOH A . 
D 4 HOH 86  287 133 HOH HOH A . 
D 4 HOH 87  288 136 HOH HOH A . 
D 4 HOH 88  289 137 HOH HOH A . 
D 4 HOH 89  290 138 HOH HOH A . 
D 4 HOH 90  291 140 HOH HOH A . 
D 4 HOH 91  292 141 HOH HOH A . 
D 4 HOH 92  293 142 HOH HOH A . 
D 4 HOH 93  294 143 HOH HOH A . 
D 4 HOH 94  295 144 HOH HOH A . 
D 4 HOH 95  296 146 HOH HOH A . 
D 4 HOH 96  297 147 HOH HOH A . 
D 4 HOH 97  298 148 HOH HOH A . 
D 4 HOH 98  299 149 HOH HOH A . 
D 4 HOH 99  300 150 HOH HOH A . 
D 4 HOH 100 301 151 HOH HOH A . 
D 4 HOH 101 302 152 HOH HOH A . 
D 4 HOH 102 303 153 HOH HOH A . 
D 4 HOH 103 304 154 HOH HOH A . 
D 4 HOH 104 305 155 HOH HOH A . 
D 4 HOH 105 306 156 HOH HOH A . 
D 4 HOH 106 307 157 HOH HOH A . 
E 4 HOH 1   17  1   HOH HOH D . 
E 4 HOH 2   18  3   HOH HOH D . 
E 4 HOH 3   19  8   HOH HOH D . 
E 4 HOH 4   20  13  HOH HOH D . 
E 4 HOH 5   21  19  HOH HOH D . 
E 4 HOH 6   22  21  HOH HOH D . 
E 4 HOH 7   23  25  HOH HOH D . 
E 4 HOH 8   24  26  HOH HOH D . 
E 4 HOH 9   25  27  HOH HOH D . 
E 4 HOH 10  26  28  HOH HOH D . 
E 4 HOH 11  27  30  HOH HOH D . 
E 4 HOH 12  28  31  HOH HOH D . 
E 4 HOH 13  29  33  HOH HOH D . 
E 4 HOH 14  30  35  HOH HOH D . 
E 4 HOH 15  31  40  HOH HOH D . 
E 4 HOH 16  32  41  HOH HOH D . 
E 4 HOH 17  33  42  HOH HOH D . 
E 4 HOH 18  34  44  HOH HOH D . 
E 4 HOH 19  35  53  HOH HOH D . 
E 4 HOH 20  36  60  HOH HOH D . 
E 4 HOH 21  37  61  HOH HOH D . 
E 4 HOH 22  38  63  HOH HOH D . 
E 4 HOH 23  39  71  HOH HOH D . 
E 4 HOH 24  40  73  HOH HOH D . 
E 4 HOH 25  41  77  HOH HOH D . 
E 4 HOH 26  42  80  HOH HOH D . 
E 4 HOH 27  43  81  HOH HOH D . 
E 4 HOH 28  44  88  HOH HOH D . 
E 4 HOH 29  45  89  HOH HOH D . 
E 4 HOH 30  46  90  HOH HOH D . 
E 4 HOH 31  47  91  HOH HOH D . 
E 4 HOH 32  48  95  HOH HOH D . 
E 4 HOH 33  49  118 HOH HOH D . 
E 4 HOH 34  50  119 HOH HOH D . 
E 4 HOH 35  51  120 HOH HOH D . 
E 4 HOH 36  52  121 HOH HOH D . 
E 4 HOH 37  53  122 HOH HOH D . 
E 4 HOH 38  54  123 HOH HOH D . 
E 4 HOH 39  55  124 HOH HOH D . 
E 4 HOH 40  56  125 HOH HOH D . 
E 4 HOH 41  57  126 HOH HOH D . 
E 4 HOH 42  58  128 HOH HOH D . 
E 4 HOH 43  59  129 HOH HOH D . 
E 4 HOH 44  60  130 HOH HOH D . 
E 4 HOH 45  61  134 HOH HOH D . 
E 4 HOH 46  62  135 HOH HOH D . 
E 4 HOH 47  63  139 HOH HOH D . 
E 4 HOH 48  64  145 HOH HOH D . 
# 
loop_
_software.name 
_software.classification 
_software.version 
_software.citation_id 
_software.pdbx_ordinal 
AMoRE     phasing           .       ? 1 
CNS       refinement        1.1     ? 2 
ADSC      'data collection' Quantum ? 3 
DENZO     'data reduction'  .       ? 4 
SCALEPACK 'data scaling'    .       ? 5 
# 
_cell.entry_id           2Q3I 
_cell.length_a           50.702 
_cell.length_b           50.702 
_cell.length_c           67.858 
_cell.angle_alpha        90.00 
_cell.angle_beta         90.00 
_cell.angle_gamma        120.00 
_cell.Z_PDB              6 
_cell.pdbx_unique_axis   ? 
_cell.length_a_esd       ? 
_cell.length_b_esd       ? 
_cell.length_c_esd       ? 
_cell.angle_alpha_esd    ? 
_cell.angle_beta_esd     ? 
_cell.angle_gamma_esd    ? 
# 
_symmetry.entry_id                         2Q3I 
_symmetry.space_group_name_H-M             'P 3 2 1' 
_symmetry.pdbx_full_space_group_name_H-M   ? 
_symmetry.cell_setting                     ? 
_symmetry.Int_Tables_number                150 
_symmetry.space_group_name_Hall            ? 
# 
_exptl.entry_id          2Q3I 
_exptl.method            'X-RAY DIFFRACTION' 
_exptl.crystals_number   1 
# 
_exptl_crystal.id                    1 
_exptl_crystal.density_meas          ? 
_exptl_crystal.density_Matthews      3.51 
_exptl_crystal.density_percent_sol   64.91 
_exptl_crystal.description           ? 
_exptl_crystal.F_000                 ? 
_exptl_crystal.preparation           ? 
# 
_exptl_crystal_grow.crystal_id      1 
_exptl_crystal_grow.method          'VAPOR DIFFUSION' 
_exptl_crystal_grow.temp            ? 
_exptl_crystal_grow.temp_details    ? 
_exptl_crystal_grow.pH              7.5 
_exptl_crystal_grow.pdbx_details    '10% ETHANOL, 1.5 M SODIUM CHLORIDE, pH 7.5, VAPOR DIFFUSION' 
_exptl_crystal_grow.pdbx_pH_range   . 
# 
_diffrn.id                     1 
_diffrn.ambient_temp           100.0 
_diffrn.ambient_temp_details   ? 
_diffrn.crystal_id             1 
# 
_diffrn_detector.diffrn_id              1 
_diffrn_detector.detector               CCD 
_diffrn_detector.type                   'ADSC QUANTUM' 
_diffrn_detector.pdbx_collection_date   2000-03-31 
_diffrn_detector.details                ? 
# 
_diffrn_radiation.diffrn_id                        1 
_diffrn_radiation.wavelength_id                    1 
_diffrn_radiation.pdbx_monochromatic_or_laue_m_l   M 
_diffrn_radiation.monochromator                    ? 
_diffrn_radiation.pdbx_diffrn_protocol             'SINGLE WAVELENGTH' 
_diffrn_radiation.pdbx_scattering_type             x-ray 
# 
_diffrn_radiation_wavelength.id           1 
_diffrn_radiation_wavelength.wavelength   0.979 
_diffrn_radiation_wavelength.wt           1.0 
# 
_diffrn_source.diffrn_id                   1 
_diffrn_source.source                      SYNCHROTRON 
_diffrn_source.type                        'NSLS BEAMLINE X4A' 
_diffrn_source.pdbx_synchrotron_site       NSLS 
_diffrn_source.pdbx_synchrotron_beamline   X4A 
_diffrn_source.pdbx_wavelength             ? 
_diffrn_source.pdbx_wavelength_list        0.979 
# 
_reflns.entry_id                     2Q3I 
_reflns.observed_criterion_sigma_I   -3.000 
_reflns.observed_criterion_sigma_F   ? 
_reflns.d_resolution_low             35.000 
_reflns.d_resolution_high            1.500 
_reflns.number_obs                   16309 
_reflns.number_all                   ? 
_reflns.percent_possible_obs         97.2 
_reflns.pdbx_Rmerge_I_obs            0.048 
_reflns.pdbx_Rsym_value              ? 
_reflns.pdbx_netI_over_sigmaI        16.8000 
_reflns.B_iso_Wilson_estimate        21.60 
_reflns.pdbx_redundancy              6.500 
_reflns.R_free_details               ? 
_reflns.limit_h_max                  ? 
_reflns.limit_h_min                  ? 
_reflns.limit_k_max                  ? 
_reflns.limit_k_min                  ? 
_reflns.limit_l_max                  ? 
_reflns.limit_l_min                  ? 
_reflns.observed_criterion_F_max     ? 
_reflns.observed_criterion_F_min     ? 
_reflns.pdbx_chi_squared             ? 
_reflns.pdbx_scaling_rejects         ? 
_reflns.pdbx_ordinal                 1 
_reflns.pdbx_diffrn_id               1 
# 
_reflns_shell.d_res_high             1.50 
_reflns_shell.d_res_low              1.55 
_reflns_shell.percent_possible_all   86.8 
_reflns_shell.Rmerge_I_obs           0.235 
_reflns_shell.pdbx_Rsym_value        ? 
_reflns_shell.meanI_over_sigI_obs    4.500 
_reflns_shell.pdbx_redundancy        6.10 
_reflns_shell.percent_possible_obs   ? 
_reflns_shell.number_unique_all      ? 
_reflns_shell.number_measured_all    ? 
_reflns_shell.number_measured_obs    ? 
_reflns_shell.number_unique_obs      ? 
_reflns_shell.pdbx_chi_squared       ? 
_reflns_shell.pdbx_ordinal           1 
_reflns_shell.pdbx_diffrn_id         1 
# 
_refine.entry_id                                 2Q3I 
_refine.ls_number_reflns_obs                     16309 
_refine.ls_number_reflns_all                     ? 
_refine.pdbx_ls_sigma_I                          ? 
_refine.pdbx_ls_sigma_F                          0.000 
_refine.pdbx_data_cutoff_high_absF               ? 
_refine.pdbx_data_cutoff_low_absF                ? 
_refine.pdbx_data_cutoff_high_rms_absF           ? 
_refine.ls_d_res_low                             10.00 
_refine.ls_d_res_high                            1.50 
_refine.ls_percent_reflns_obs                    97.2 
_refine.ls_R_factor_obs                          0.231 
_refine.ls_R_factor_all                          ? 
_refine.ls_R_factor_R_work                       0.231 
_refine.ls_R_factor_R_free                       0.258 
_refine.ls_R_factor_R_free_error                 0.007 
_refine.ls_R_factor_R_free_error_details         ? 
_refine.ls_percent_reflns_R_free                 10.000 
_refine.ls_number_reflns_R_free                  1639 
_refine.ls_number_parameters                     ? 
_refine.ls_number_restraints                     ? 
_refine.occupancy_min                            ? 
_refine.occupancy_max                            ? 
_refine.correlation_coeff_Fo_to_Fc               ? 
_refine.correlation_coeff_Fo_to_Fc_free          ? 
_refine.B_iso_mean                               28.30 
_refine.aniso_B[1][1]                            4.60000 
_refine.aniso_B[2][2]                            0.00000 
_refine.aniso_B[3][3]                            -13.44000 
_refine.aniso_B[1][2]                            0.56100 
_refine.aniso_B[1][3]                            0.00000 
_refine.aniso_B[2][3]                            0.00000 
_refine.solvent_model_details                    'FLAT MODEL' 
_refine.solvent_model_param_ksol                 0.42 
_refine.solvent_model_param_bsol                 111.56 
_refine.pdbx_solvent_vdw_probe_radii             ? 
_refine.pdbx_solvent_ion_probe_radii             ? 
_refine.pdbx_solvent_shrinkage_radii             ? 
_refine.pdbx_ls_cross_valid_method               THROUGHOUT 
_refine.details                                  ? 
_refine.pdbx_starting_model                      'PDB entry 1CZQ' 
_refine.pdbx_method_to_determine_struct          'MOLECULAR REPLACEMENT' 
_refine.pdbx_isotropic_thermal_model             RESTRAINED 
_refine.pdbx_stereochemistry_target_values       'Engh & Huber' 
_refine.pdbx_stereochem_target_val_spec_case     ? 
_refine.pdbx_R_Free_selection_details            RANDOM 
_refine.pdbx_overall_ESU_R_Free                  ? 
_refine.overall_SU_ML                            ? 
_refine.overall_SU_B                             ? 
_refine.ls_redundancy_reflns_obs                 ? 
_refine.B_iso_min                                ? 
_refine.B_iso_max                                ? 
_refine.overall_SU_R_Cruickshank_DPI             ? 
_refine.overall_SU_R_free                        ? 
_refine.ls_wR_factor_R_free                      ? 
_refine.ls_wR_factor_R_work                      ? 
_refine.overall_FOM_free_R_set                   ? 
_refine.overall_FOM_work_R_set                   ? 
_refine.pdbx_refine_id                           'X-RAY DIFFRACTION' 
_refine.pdbx_overall_phase_error                 ? 
_refine.pdbx_overall_ESU_R                       ? 
_refine.pdbx_diffrn_id                           1 
_refine.pdbx_TLS_residual_ADP_flag               ? 
_refine.pdbx_overall_SU_R_free_Cruickshank_DPI   ? 
_refine.pdbx_overall_SU_R_Blow_DPI               ? 
_refine.pdbx_overall_SU_R_free_Blow_DPI          ? 
# 
_refine_analyze.entry_id                        2Q3I 
_refine_analyze.Luzzati_coordinate_error_obs    0.18 
_refine_analyze.Luzzati_sigma_a_obs             0.090 
_refine_analyze.Luzzati_d_res_low_obs           5.00 
_refine_analyze.Luzzati_coordinate_error_free   0.20 
_refine_analyze.Luzzati_sigma_a_free            0.12 
_refine_analyze.Luzzati_d_res_low_free          ? 
_refine_analyze.number_disordered_residues      ? 
_refine_analyze.occupancy_sum_hydrogen          ? 
_refine_analyze.occupancy_sum_non_hydrogen      ? 
_refine_analyze.pdbx_Luzzati_d_res_high_obs     ? 
_refine_analyze.pdbx_refine_id                  'X-RAY DIFFRACTION' 
# 
_refine_hist.pdbx_refine_id                   'X-RAY DIFFRACTION' 
_refine_hist.cycle_id                         LAST 
_refine_hist.pdbx_number_atoms_protein        509 
_refine_hist.pdbx_number_atoms_nucleic_acid   0 
_refine_hist.pdbx_number_atoms_ligand         1 
_refine_hist.number_atoms_solvent             154 
_refine_hist.number_atoms_total               664 
_refine_hist.d_res_high                       1.50 
_refine_hist.d_res_low                        10.00 
# 
loop_
_refine_ls_restr.type 
_refine_ls_restr.dev_ideal 
_refine_ls_restr.dev_ideal_target 
_refine_ls_restr.weight 
_refine_ls_restr.number 
_refine_ls_restr.pdbx_refine_id 
_refine_ls_restr.pdbx_restraint_function 
c_bond_d           0.012 ?     ? ? 'X-RAY DIFFRACTION' ? 
c_angle_deg        1.31  ?     ? ? 'X-RAY DIFFRACTION' ? 
c_dihedral_angle_d 15.70 ?     ? ? 'X-RAY DIFFRACTION' ? 
c_improper_angle_d 1.00  ?     ? ? 'X-RAY DIFFRACTION' ? 
c_mcbond_it        0.96  2.000 ? ? 'X-RAY DIFFRACTION' ? 
c_mcangle_it       1.50  3.000 ? ? 'X-RAY DIFFRACTION' ? 
c_scbond_it        1.85  3.000 ? ? 'X-RAY DIFFRACTION' ? 
c_scangle_it       2.68  3.500 ? ? 'X-RAY DIFFRACTION' ? 
# 
_refine_ls_shell.pdbx_total_number_of_bins_used   6 
_refine_ls_shell.d_res_high                       1.50 
_refine_ls_shell.d_res_low                        1.59 
_refine_ls_shell.number_reflns_R_work             2188 
_refine_ls_shell.R_factor_R_work                  0.345 
_refine_ls_shell.percent_reflns_obs               96.10 
_refine_ls_shell.R_factor_R_free                  0.386 
_refine_ls_shell.R_factor_R_free_error            0.018 
_refine_ls_shell.percent_reflns_R_free            9.80 
_refine_ls_shell.number_reflns_R_free             219 
_refine_ls_shell.number_reflns_all                ? 
_refine_ls_shell.R_factor_all                     ? 
_refine_ls_shell.number_reflns_obs                ? 
_refine_ls_shell.redundancy_reflns_obs            ? 
_refine_ls_shell.pdbx_refine_id                   'X-RAY DIFFRACTION' 
# 
loop_
_pdbx_xplor_file.serial_no 
_pdbx_xplor_file.param_file 
_pdbx_xplor_file.topol_file 
_pdbx_xplor_file.pdbx_refine_id 
1 PROTEIN_REP_D.PARAM PROTEIN.TOP 'X-RAY DIFFRACTION' 
2 WATER_REP.PARA      WATER.TOP   'X-RAY DIFFRACTION' 
3 ION.PARAM           ION.TOP     'X-RAY DIFFRACTION' 
# 
_struct.entry_id                  2Q3I 
_struct.title                     
'Crystal structure of the D10-P3/IQN17 complex: a D-peptide inhibitor of HIV-1 entry bound to the GP41 coiled-coil pocket' 
_struct.pdbx_model_details        ? 
_struct.pdbx_CASP_flag            ? 
_struct.pdbx_model_type_details   ? 
# 
_struct_keywords.entry_id        2Q3I 
_struct_keywords.pdbx_keywords   'VIRAL PROTEIN/INHIBITOR' 
_struct_keywords.text            'envelope glycoprotein, VIRAL PROTEIN-INHIBITOR complex' 
# 
loop_
_struct_asym.id 
_struct_asym.pdbx_blank_PDB_chainid_flag 
_struct_asym.pdbx_modified 
_struct_asym.entity_id 
_struct_asym.details 
A N N 1 ? 
B N N 2 ? 
C N N 3 ? 
D N N 4 ? 
E N N 4 ? 
# 
loop_
_struct_ref.id 
_struct_ref.db_name 
_struct_ref.db_code 
_struct_ref.pdbx_db_accession 
_struct_ref.entity_id 
_struct_ref.pdbx_seq_one_letter_code 
_struct_ref.pdbx_align_begin 
_struct_ref.pdbx_db_isoform 
1 UNP A3F986_9HIV1 A3F986 1 KLLQLTVWGIKQLQARIL 566 ? 
2 PDB 2Q3I         2Q3I   2 ?                  ?   ? 
# 
loop_
_struct_ref_seq.align_id 
_struct_ref_seq.ref_id 
_struct_ref_seq.pdbx_PDB_id_code 
_struct_ref_seq.pdbx_strand_id 
_struct_ref_seq.seq_align_beg 
_struct_ref_seq.pdbx_seq_align_beg_ins_code 
_struct_ref_seq.seq_align_end 
_struct_ref_seq.pdbx_seq_align_end_ins_code 
_struct_ref_seq.pdbx_db_accession 
_struct_ref_seq.db_align_beg 
_struct_ref_seq.pdbx_db_align_beg_ins_code 
_struct_ref_seq.db_align_end 
_struct_ref_seq.pdbx_db_align_end_ins_code 
_struct_ref_seq.pdbx_auth_seq_align_beg 
_struct_ref_seq.pdbx_auth_seq_align_end 
1 1 2Q3I A 29 ? 46 ? A3F986 566 ? 583 ? 28 45 
2 2 2Q3I D 1  ? 17 ? 2Q3I   0   ? 16  ? 0  16 
# 
_pdbx_struct_assembly.id                   1 
_pdbx_struct_assembly.details              author_and_software_defined_assembly 
_pdbx_struct_assembly.method_details       PISA,PQS 
_pdbx_struct_assembly.oligomeric_details   hexameric 
_pdbx_struct_assembly.oligomeric_count     6 
# 
loop_
_pdbx_struct_assembly_prop.biol_id 
_pdbx_struct_assembly_prop.type 
_pdbx_struct_assembly_prop.value 
_pdbx_struct_assembly_prop.details 
1 'ABSA (A^2)' 8800  ? 
1 MORE         -86   ? 
1 'SSA (A^2)'  11020 ? 
# 
_pdbx_struct_assembly_gen.assembly_id       1 
_pdbx_struct_assembly_gen.oper_expression   1,2,3 
_pdbx_struct_assembly_gen.asym_id_list      A,B,C,D,E 
# 
loop_
_pdbx_struct_oper_list.id 
_pdbx_struct_oper_list.type 
_pdbx_struct_oper_list.name 
_pdbx_struct_oper_list.symmetry_operation 
_pdbx_struct_oper_list.matrix[1][1] 
_pdbx_struct_oper_list.matrix[1][2] 
_pdbx_struct_oper_list.matrix[1][3] 
_pdbx_struct_oper_list.vector[1] 
_pdbx_struct_oper_list.matrix[2][1] 
_pdbx_struct_oper_list.matrix[2][2] 
_pdbx_struct_oper_list.matrix[2][3] 
_pdbx_struct_oper_list.vector[2] 
_pdbx_struct_oper_list.matrix[3][1] 
_pdbx_struct_oper_list.matrix[3][2] 
_pdbx_struct_oper_list.matrix[3][3] 
_pdbx_struct_oper_list.vector[3] 
1 'identity operation'         1_555 x,y,z         1.0000000000 0.0000000000 0.0000000000  0.0000000000  0.0000000000 1.0000000000  0.0000000000  0.0000000000  0.0000000000  0.0000000000  1.0000000000  0.0000000000  
2 'crystal symmetry operation' 2_655 -y+1,x-y,z    0.6065267396 0.6845004528 -0.4044557384 5.2001810882  0.6329491537 -0.1078555078 0.7666436971  -9.2077061819 0.4811451787  -0.7209898194 -0.4986712318 8.1159809532  
3 'crystal symmetry operation' 3_665 -x+y+1,-x+1,z 0.6065267396 0.6329491537 0.4811451787  -1.2310041510 0.6845004528 -0.1078555078 -0.7209898194 1.2989115060  -0.4044557384 0.7666436971  -0.4986712318 13.2094792091 
# 
_struct_biol.id        1 
_struct_biol.details   'The biological assembly is trimer formed around the crystallographic 3-fold axis' 
# 
loop_
_struct_conf.conf_type_id 
_struct_conf.id 
_struct_conf.pdbx_PDB_helix_id 
_struct_conf.beg_label_comp_id 
_struct_conf.beg_label_asym_id 
_struct_conf.beg_label_seq_id 
_struct_conf.pdbx_beg_PDB_ins_code 
_struct_conf.end_label_comp_id 
_struct_conf.end_label_asym_id 
_struct_conf.end_label_seq_id 
_struct_conf.pdbx_end_PDB_ins_code 
_struct_conf.beg_auth_comp_id 
_struct_conf.beg_auth_asym_id 
_struct_conf.beg_auth_seq_id 
_struct_conf.end_auth_comp_id 
_struct_conf.end_auth_asym_id 
_struct_conf.end_auth_seq_id 
_struct_conf.pdbx_PDB_helix_class 
_struct_conf.details 
_struct_conf.pdbx_PDB_helix_length 
HELX_P HELX_P1 1 ARG A 2  ? LEU A 46 ? ARG A 1  LEU A 45 1 ? 45 
HELX_P HELX_P2 2 GLY B 5  ? DGL B 10 ? GLY D 4  DGL D 9  5 ? 6  
HELX_P HELX_P3 3 DTR B 11 ? DAL B 17 ? DTR D 10 DAL D 16 1 ? 7  
# 
_struct_conf_type.id          HELX_P 
_struct_conf_type.criteria    ? 
_struct_conf_type.reference   ? 
# 
loop_
_struct_conn.id 
_struct_conn.conn_type_id 
_struct_conn.pdbx_leaving_atom_flag 
_struct_conn.pdbx_PDB_id 
_struct_conn.ptnr1_label_asym_id 
_struct_conn.ptnr1_label_comp_id 
_struct_conn.ptnr1_label_seq_id 
_struct_conn.ptnr1_label_atom_id 
_struct_conn.pdbx_ptnr1_label_alt_id 
_struct_conn.pdbx_ptnr1_PDB_ins_code 
_struct_conn.pdbx_ptnr1_standard_comp_id 
_struct_conn.ptnr1_symmetry 
_struct_conn.ptnr2_label_asym_id 
_struct_conn.ptnr2_label_comp_id 
_struct_conn.ptnr2_label_seq_id 
_struct_conn.ptnr2_label_atom_id 
_struct_conn.pdbx_ptnr2_label_alt_id 
_struct_conn.pdbx_ptnr2_PDB_ins_code 
_struct_conn.ptnr1_auth_asym_id 
_struct_conn.ptnr1_auth_comp_id 
_struct_conn.ptnr1_auth_seq_id 
_struct_conn.ptnr2_auth_asym_id 
_struct_conn.ptnr2_auth_comp_id 
_struct_conn.ptnr2_auth_seq_id 
_struct_conn.ptnr2_symmetry 
_struct_conn.pdbx_ptnr3_label_atom_id 
_struct_conn.pdbx_ptnr3_label_seq_id 
_struct_conn.pdbx_ptnr3_label_comp_id 
_struct_conn.pdbx_ptnr3_label_asym_id 
_struct_conn.pdbx_ptnr3_label_alt_id 
_struct_conn.pdbx_ptnr3_PDB_ins_code 
_struct_conn.details 
_struct_conn.pdbx_dist_value 
_struct_conn.pdbx_value_order 
_struct_conn.pdbx_role 
disulf1  disulf ?    ? B DCY 4  SG ? ? ? 1_555 B DCY 15 SG ? ? D DCY 3  D DCY 14 1_555 ? ? ? ? ? ? ? 2.664 ? ? 
covale1  covale both ? A ACE 1  C  ? ? ? 1_555 A ARG 2  N  ? ? A ACE 0  A ARG 1  1_555 ? ? ? ? ? ? ? 1.322 ? ? 
covale2  covale both ? B ACE 1  C  ? ? ? 1_555 B GLY 2  N  ? ? D ACE 0  D GLY 1  1_555 ? ? ? ? ? ? ? 1.330 ? ? 
covale3  covale both ? B GLY 2  C  ? ? ? 1_555 B DAL 3  N  ? ? D GLY 1  D DAL 2  1_555 ? ? ? ? ? ? ? 1.324 ? ? 
covale4  covale both ? B DAL 3  C  ? ? ? 1_555 B DCY 4  N  ? ? D DAL 2  D DCY 3  1_555 ? ? ? ? ? ? ? 1.329 ? ? 
covale5  covale both ? B DCY 4  C  ? ? ? 1_555 B GLY 5  N  ? ? D DCY 3  D GLY 4  1_555 ? ? ? ? ? ? ? 1.329 ? ? 
covale6  covale both ? B GLY 5  C  ? ? ? 1_555 B DLE 6  N  ? ? D GLY 4  D DLE 5  1_555 ? ? ? ? ? ? ? 1.340 ? ? 
covale7  covale both ? B DLE 6  C  ? ? ? 1_555 B GLY 7  N  ? ? D DLE 5  D GLY 6  1_555 ? ? ? ? ? ? ? 1.326 ? ? 
covale8  covale both ? B GLY 7  C  ? ? ? 1_555 B DGN 8  N  ? ? D GLY 6  D DGN 7  1_555 ? ? ? ? ? ? ? 1.328 ? ? 
covale9  covale both ? B DGN 8  C  ? ? ? 1_555 B DGL 9  N  ? ? D DGN 7  D DGL 8  1_555 ? ? ? ? ? ? ? 1.325 ? ? 
covale10 covale both ? B DGL 9  C  ? ? ? 1_555 B DGL 10 N  ? ? D DGL 8  D DGL 9  1_555 ? ? ? ? ? ? ? 1.331 ? ? 
covale11 covale both ? B DGL 10 C  ? ? ? 1_555 B DTR 11 N  ? ? D DGL 9  D DTR 10 1_555 ? ? ? ? ? ? ? 1.321 ? ? 
covale12 covale both ? B DTR 11 C  ? ? ? 1_555 B DPN 12 N  ? ? D DTR 10 D DPN 11 1_555 ? ? ? ? ? ? ? 1.329 ? ? 
covale13 covale both ? B DPN 12 C  ? ? ? 1_555 B DTR 13 N  ? ? D DPN 11 D DTR 12 1_555 ? ? ? ? ? ? ? 1.336 ? ? 
covale14 covale both ? B DTR 13 C  ? ? ? 1_555 B DLE 14 N  ? ? D DTR 12 D DLE 13 1_555 ? ? ? ? ? ? ? 1.334 ? ? 
covale15 covale both ? B DLE 14 C  ? ? ? 1_555 B DCY 15 N  ? ? D DLE 13 D DCY 14 1_555 ? ? ? ? ? ? ? 1.346 ? ? 
covale16 covale both ? B DCY 15 C  ? ? ? 1_555 B DAL 16 N  ? ? D DCY 14 D DAL 15 1_555 ? ? ? ? ? ? ? 1.330 ? ? 
covale17 covale both ? B DAL 16 C  ? ? ? 1_555 B DAL 17 N  ? ? D DAL 15 D DAL 16 1_555 ? ? ? ? ? ? ? 1.341 ? ? 
# 
loop_
_struct_conn_type.id 
_struct_conn_type.criteria 
_struct_conn_type.reference 
disulf ? ? 
covale ? ? 
# 
loop_
_pdbx_modification_feature.ordinal 
_pdbx_modification_feature.label_comp_id 
_pdbx_modification_feature.label_asym_id 
_pdbx_modification_feature.label_seq_id 
_pdbx_modification_feature.label_alt_id 
_pdbx_modification_feature.modified_residue_label_comp_id 
_pdbx_modification_feature.modified_residue_label_asym_id 
_pdbx_modification_feature.modified_residue_label_seq_id 
_pdbx_modification_feature.modified_residue_label_alt_id 
_pdbx_modification_feature.auth_comp_id 
_pdbx_modification_feature.auth_asym_id 
_pdbx_modification_feature.auth_seq_id 
_pdbx_modification_feature.PDB_ins_code 
_pdbx_modification_feature.symmetry 
_pdbx_modification_feature.modified_residue_auth_comp_id 
_pdbx_modification_feature.modified_residue_auth_asym_id 
_pdbx_modification_feature.modified_residue_auth_seq_id 
_pdbx_modification_feature.modified_residue_PDB_ins_code 
_pdbx_modification_feature.modified_residue_symmetry 
_pdbx_modification_feature.comp_id_linking_atom 
_pdbx_modification_feature.modified_residue_id_linking_atom 
_pdbx_modification_feature.modified_residue_id 
_pdbx_modification_feature.ref_pcm_id 
_pdbx_modification_feature.ref_comp_id 
_pdbx_modification_feature.type 
_pdbx_modification_feature.category 
1 ACE A 1 ? ARG A 2  ? ACE A 0 ? 1_555 ARG A 1  ? 1_555 .  .  ARG 8  ACE None 'Terminal acetylation' 
2 ACE B 1 ? GLY B 2  ? ACE D 0 ? 1_555 GLY D 1  ? 1_555 .  .  GLY 12 ACE None 'Terminal acetylation' 
3 DCY B 4 ? DCY B 15 ? DCY D 3 ? 1_555 DCY D 14 ? 1_555 SG SG .   .  .   None 'Disulfide bridge'     
# 
loop_
_struct_site.id 
_struct_site.pdbx_evidence_code 
_struct_site.pdbx_auth_asym_id 
_struct_site.pdbx_auth_comp_id 
_struct_site.pdbx_auth_seq_id 
_struct_site.pdbx_auth_ins_code 
_struct_site.pdbx_num_residues 
_struct_site.details 
AC1 Software A CL 201 ? 3  'BINDING SITE FOR RESIDUE CL A 201'     
AC2 Software ? ?  ?   ? 32 'BINDING SITE FOR CHAIN D OF D-PEPTIDE' 
# 
loop_
_struct_site_gen.id 
_struct_site_gen.site_id 
_struct_site_gen.pdbx_num_res 
_struct_site_gen.label_comp_id 
_struct_site_gen.label_asym_id 
_struct_site_gen.label_seq_id 
_struct_site_gen.pdbx_auth_ins_code 
_struct_site_gen.auth_comp_id 
_struct_site_gen.auth_asym_id 
_struct_site_gen.auth_seq_id 
_struct_site_gen.label_atom_id 
_struct_site_gen.label_alt_id 
_struct_site_gen.symmetry 
_struct_site_gen.details 
1  AC1 3  GLN A 17 ? GLN A 16  . ? 3_665 ? 
2  AC1 3  GLN A 17 ? GLN A 16  . ? 1_555 ? 
3  AC1 3  GLN A 17 ? GLN A 16  . ? 2_655 ? 
4  AC2 32 ARG A 2  ? ARG A 1   . ? 6_656 ? 
5  AC2 32 LYS A 4  ? LYS A 3   . ? 5_556 ? 
6  AC2 32 GLU A 7  ? GLU A 6   . ? 5_556 ? 
7  AC2 32 ASP A 8  ? ASP A 7   . ? 5_556 ? 
8  AC2 32 GLU A 11 ? GLU A 10  . ? 5_556 ? 
9  AC2 32 LEU A 33 ? LEU A 32  . ? 1_555 ? 
10 AC2 32 VAL A 35 ? VAL A 34  . ? 3_665 ? 
11 AC2 32 TRP A 36 ? TRP A 35  . ? 1_555 ? 
12 AC2 32 LYS A 39 ? LYS A 38  . ? 3_665 ? 
13 AC2 32 GLN A 42 ? GLN A 41  . ? 3_665 ? 
14 AC2 32 HOH D .  ? HOH A 220 . ? 5_556 ? 
15 AC2 32 HOH D .  ? HOH A 249 . ? 5_556 ? 
16 AC2 32 HOH E .  ? HOH D 18  . ? 1_555 ? 
17 AC2 32 HOH E .  ? HOH D 20  . ? 1_555 ? 
18 AC2 32 HOH E .  ? HOH D 21  . ? 1_555 ? 
19 AC2 32 HOH E .  ? HOH D 22  . ? 1_555 ? 
20 AC2 32 HOH E .  ? HOH D 23  . ? 1_555 ? 
21 AC2 32 HOH E .  ? HOH D 24  . ? 1_555 ? 
22 AC2 32 HOH E .  ? HOH D 25  . ? 1_555 ? 
23 AC2 32 HOH E .  ? HOH D 26  . ? 1_555 ? 
24 AC2 32 HOH E .  ? HOH D 28  . ? 1_555 ? 
25 AC2 32 HOH E .  ? HOH D 29  . ? 1_555 ? 
26 AC2 32 HOH E .  ? HOH D 30  . ? 1_555 ? 
27 AC2 32 HOH E .  ? HOH D 31  . ? 1_555 ? 
28 AC2 32 HOH E .  ? HOH D 32  . ? 1_555 ? 
29 AC2 32 HOH E .  ? HOH D 33  . ? 1_555 ? 
30 AC2 32 HOH E .  ? HOH D 42  . ? 1_555 ? 
31 AC2 32 HOH E .  ? HOH D 43  . ? 1_555 ? 
32 AC2 32 HOH E .  ? HOH D 45  . ? 1_555 ? 
33 AC2 32 HOH E .  ? HOH D 47  . ? 1_555 ? 
34 AC2 32 HOH E .  ? HOH D 49  . ? 1_555 ? 
35 AC2 32 HOH E .  ? HOH D 61  . ? 1_555 ? 
# 
_pdbx_entry_details.entry_id                   2Q3I 
_pdbx_entry_details.compound_details           ? 
_pdbx_entry_details.source_details             ? 
_pdbx_entry_details.nonpolymer_details         ? 
_pdbx_entry_details.sequence_details           ? 
_pdbx_entry_details.has_ligand_of_interest     ? 
_pdbx_entry_details.has_protein_modification   Y 
# 
loop_
_pdbx_struct_special_symmetry.id 
_pdbx_struct_special_symmetry.PDB_model_num 
_pdbx_struct_special_symmetry.auth_asym_id 
_pdbx_struct_special_symmetry.auth_comp_id 
_pdbx_struct_special_symmetry.auth_seq_id 
_pdbx_struct_special_symmetry.PDB_ins_code 
_pdbx_struct_special_symmetry.label_asym_id 
_pdbx_struct_special_symmetry.label_comp_id 
_pdbx_struct_special_symmetry.label_seq_id 
1 1 A CL  201 ? C CL  . 
2 1 A HOH 233 ? D HOH . 
3 1 A HOH 269 ? D HOH . 
4 1 A HOH 281 ? D HOH . 
5 1 A HOH 299 ? D HOH . 
# 
loop_
_chem_comp_atom.comp_id 
_chem_comp_atom.atom_id 
_chem_comp_atom.type_symbol 
_chem_comp_atom.pdbx_aromatic_flag 
_chem_comp_atom.pdbx_stereo_config 
_chem_comp_atom.pdbx_ordinal 
ACE C    C  N N 1   
ACE O    O  N N 2   
ACE CH3  C  N N 3   
ACE H    H  N N 4   
ACE H1   H  N N 5   
ACE H2   H  N N 6   
ACE H3   H  N N 7   
ALA N    N  N N 8   
ALA CA   C  N S 9   
ALA C    C  N N 10  
ALA O    O  N N 11  
ALA CB   C  N N 12  
ALA OXT  O  N N 13  
ALA H    H  N N 14  
ALA H2   H  N N 15  
ALA HA   H  N N 16  
ALA HB1  H  N N 17  
ALA HB2  H  N N 18  
ALA HB3  H  N N 19  
ALA HXT  H  N N 20  
ARG N    N  N N 21  
ARG CA   C  N S 22  
ARG C    C  N N 23  
ARG O    O  N N 24  
ARG CB   C  N N 25  
ARG CG   C  N N 26  
ARG CD   C  N N 27  
ARG NE   N  N N 28  
ARG CZ   C  N N 29  
ARG NH1  N  N N 30  
ARG NH2  N  N N 31  
ARG OXT  O  N N 32  
ARG H    H  N N 33  
ARG H2   H  N N 34  
ARG HA   H  N N 35  
ARG HB2  H  N N 36  
ARG HB3  H  N N 37  
ARG HG2  H  N N 38  
ARG HG3  H  N N 39  
ARG HD2  H  N N 40  
ARG HD3  H  N N 41  
ARG HE   H  N N 42  
ARG HH11 H  N N 43  
ARG HH12 H  N N 44  
ARG HH21 H  N N 45  
ARG HH22 H  N N 46  
ARG HXT  H  N N 47  
ASN N    N  N N 48  
ASN CA   C  N S 49  
ASN C    C  N N 50  
ASN O    O  N N 51  
ASN CB   C  N N 52  
ASN CG   C  N N 53  
ASN OD1  O  N N 54  
ASN ND2  N  N N 55  
ASN OXT  O  N N 56  
ASN H    H  N N 57  
ASN H2   H  N N 58  
ASN HA   H  N N 59  
ASN HB2  H  N N 60  
ASN HB3  H  N N 61  
ASN HD21 H  N N 62  
ASN HD22 H  N N 63  
ASN HXT  H  N N 64  
ASP N    N  N N 65  
ASP CA   C  N S 66  
ASP C    C  N N 67  
ASP O    O  N N 68  
ASP CB   C  N N 69  
ASP CG   C  N N 70  
ASP OD1  O  N N 71  
ASP OD2  O  N N 72  
ASP OXT  O  N N 73  
ASP H    H  N N 74  
ASP H2   H  N N 75  
ASP HA   H  N N 76  
ASP HB2  H  N N 77  
ASP HB3  H  N N 78  
ASP HD2  H  N N 79  
ASP HXT  H  N N 80  
CL  CL   CL N N 81  
DAL N    N  N N 82  
DAL CA   C  N R 83  
DAL CB   C  N N 84  
DAL C    C  N N 85  
DAL O    O  N N 86  
DAL OXT  O  N N 87  
DAL H    H  N N 88  
DAL H2   H  N N 89  
DAL HA   H  N N 90  
DAL HB1  H  N N 91  
DAL HB2  H  N N 92  
DAL HB3  H  N N 93  
DAL HXT  H  N N 94  
DCY N    N  N N 95  
DCY CA   C  N S 96  
DCY C    C  N N 97  
DCY O    O  N N 98  
DCY CB   C  N N 99  
DCY SG   S  N N 100 
DCY OXT  O  N N 101 
DCY H    H  N N 102 
DCY H2   H  N N 103 
DCY HA   H  N N 104 
DCY HB2  H  N N 105 
DCY HB3  H  N N 106 
DCY HG   H  N N 107 
DCY HXT  H  N N 108 
DGL N    N  N N 109 
DGL CA   C  N R 110 
DGL C    C  N N 111 
DGL O    O  N N 112 
DGL CB   C  N N 113 
DGL CG   C  N N 114 
DGL CD   C  N N 115 
DGL OE1  O  N N 116 
DGL OE2  O  N N 117 
DGL OXT  O  N N 118 
DGL H    H  N N 119 
DGL H2   H  N N 120 
DGL HA   H  N N 121 
DGL HB2  H  N N 122 
DGL HB3  H  N N 123 
DGL HG2  H  N N 124 
DGL HG3  H  N N 125 
DGL HE2  H  N N 126 
DGL HXT  H  N N 127 
DGN N    N  N N 128 
DGN CA   C  N R 129 
DGN C    C  N N 130 
DGN O    O  N N 131 
DGN OXT  O  N N 132 
DGN CB   C  N N 133 
DGN CG   C  N N 134 
DGN CD   C  N N 135 
DGN OE1  O  N N 136 
DGN NE2  N  N N 137 
DGN H    H  N N 138 
DGN H2   H  N N 139 
DGN HA   H  N N 140 
DGN HXT  H  N N 141 
DGN HB2  H  N N 142 
DGN HB3  H  N N 143 
DGN HG2  H  N N 144 
DGN HG3  H  N N 145 
DGN HE21 H  N N 146 
DGN HE22 H  N N 147 
DLE N    N  N N 148 
DLE CA   C  N R 149 
DLE CB   C  N N 150 
DLE CG   C  N N 151 
DLE CD1  C  N N 152 
DLE CD2  C  N N 153 
DLE C    C  N N 154 
DLE O    O  N N 155 
DLE OXT  O  N N 156 
DLE H    H  N N 157 
DLE H2   H  N N 158 
DLE HA   H  N N 159 
DLE HB2  H  N N 160 
DLE HB3  H  N N 161 
DLE HG   H  N N 162 
DLE HD11 H  N N 163 
DLE HD12 H  N N 164 
DLE HD13 H  N N 165 
DLE HD21 H  N N 166 
DLE HD22 H  N N 167 
DLE HD23 H  N N 168 
DLE HXT  H  N N 169 
DPN N    N  N N 170 
DPN CA   C  N R 171 
DPN C    C  N N 172 
DPN O    O  N N 173 
DPN OXT  O  N N 174 
DPN CB   C  N N 175 
DPN CG   C  Y N 176 
DPN CD1  C  Y N 177 
DPN CD2  C  Y N 178 
DPN CE1  C  Y N 179 
DPN CE2  C  Y N 180 
DPN CZ   C  Y N 181 
DPN H    H  N N 182 
DPN H2   H  N N 183 
DPN HA   H  N N 184 
DPN HXT  H  N N 185 
DPN HB2  H  N N 186 
DPN HB3  H  N N 187 
DPN HD1  H  N N 188 
DPN HD2  H  N N 189 
DPN HE1  H  N N 190 
DPN HE2  H  N N 191 
DPN HZ   H  N N 192 
DTR N    N  N N 193 
DTR CA   C  N R 194 
DTR CB   C  N N 195 
DTR CG   C  Y N 196 
DTR CD1  C  Y N 197 
DTR NE1  N  Y N 198 
DTR CE2  C  Y N 199 
DTR CZ2  C  Y N 200 
DTR CH2  C  Y N 201 
DTR CZ3  C  Y N 202 
DTR CE3  C  Y N 203 
DTR CD2  C  Y N 204 
DTR C    C  N N 205 
DTR O    O  N N 206 
DTR OXT  O  N N 207 
DTR H    H  N N 208 
DTR H2   H  N N 209 
DTR HA   H  N N 210 
DTR HB2  H  N N 211 
DTR HB3  H  N N 212 
DTR HD1  H  N N 213 
DTR HE1  H  N N 214 
DTR HZ2  H  N N 215 
DTR HH2  H  N N 216 
DTR HZ3  H  N N 217 
DTR HE3  H  N N 218 
DTR HXT  H  N N 219 
GLN N    N  N N 220 
GLN CA   C  N S 221 
GLN C    C  N N 222 
GLN O    O  N N 223 
GLN CB   C  N N 224 
GLN CG   C  N N 225 
GLN CD   C  N N 226 
GLN OE1  O  N N 227 
GLN NE2  N  N N 228 
GLN OXT  O  N N 229 
GLN H    H  N N 230 
GLN H2   H  N N 231 
GLN HA   H  N N 232 
GLN HB2  H  N N 233 
GLN HB3  H  N N 234 
GLN HG2  H  N N 235 
GLN HG3  H  N N 236 
GLN HE21 H  N N 237 
GLN HE22 H  N N 238 
GLN HXT  H  N N 239 
GLU N    N  N N 240 
GLU CA   C  N S 241 
GLU C    C  N N 242 
GLU O    O  N N 243 
GLU CB   C  N N 244 
GLU CG   C  N N 245 
GLU CD   C  N N 246 
GLU OE1  O  N N 247 
GLU OE2  O  N N 248 
GLU OXT  O  N N 249 
GLU H    H  N N 250 
GLU H2   H  N N 251 
GLU HA   H  N N 252 
GLU HB2  H  N N 253 
GLU HB3  H  N N 254 
GLU HG2  H  N N 255 
GLU HG3  H  N N 256 
GLU HE2  H  N N 257 
GLU HXT  H  N N 258 
GLY N    N  N N 259 
GLY CA   C  N N 260 
GLY C    C  N N 261 
GLY O    O  N N 262 
GLY OXT  O  N N 263 
GLY H    H  N N 264 
GLY H2   H  N N 265 
GLY HA2  H  N N 266 
GLY HA3  H  N N 267 
GLY HXT  H  N N 268 
HOH O    O  N N 269 
HOH H1   H  N N 270 
HOH H2   H  N N 271 
ILE N    N  N N 272 
ILE CA   C  N S 273 
ILE C    C  N N 274 
ILE O    O  N N 275 
ILE CB   C  N S 276 
ILE CG1  C  N N 277 
ILE CG2  C  N N 278 
ILE CD1  C  N N 279 
ILE OXT  O  N N 280 
ILE H    H  N N 281 
ILE H2   H  N N 282 
ILE HA   H  N N 283 
ILE HB   H  N N 284 
ILE HG12 H  N N 285 
ILE HG13 H  N N 286 
ILE HG21 H  N N 287 
ILE HG22 H  N N 288 
ILE HG23 H  N N 289 
ILE HD11 H  N N 290 
ILE HD12 H  N N 291 
ILE HD13 H  N N 292 
ILE HXT  H  N N 293 
LEU N    N  N N 294 
LEU CA   C  N S 295 
LEU C    C  N N 296 
LEU O    O  N N 297 
LEU CB   C  N N 298 
LEU CG   C  N N 299 
LEU CD1  C  N N 300 
LEU CD2  C  N N 301 
LEU OXT  O  N N 302 
LEU H    H  N N 303 
LEU H2   H  N N 304 
LEU HA   H  N N 305 
LEU HB2  H  N N 306 
LEU HB3  H  N N 307 
LEU HG   H  N N 308 
LEU HD11 H  N N 309 
LEU HD12 H  N N 310 
LEU HD13 H  N N 311 
LEU HD21 H  N N 312 
LEU HD22 H  N N 313 
LEU HD23 H  N N 314 
LEU HXT  H  N N 315 
LYS N    N  N N 316 
LYS CA   C  N S 317 
LYS C    C  N N 318 
LYS O    O  N N 319 
LYS CB   C  N N 320 
LYS CG   C  N N 321 
LYS CD   C  N N 322 
LYS CE   C  N N 323 
LYS NZ   N  N N 324 
LYS OXT  O  N N 325 
LYS H    H  N N 326 
LYS H2   H  N N 327 
LYS HA   H  N N 328 
LYS HB2  H  N N 329 
LYS HB3  H  N N 330 
LYS HG2  H  N N 331 
LYS HG3  H  N N 332 
LYS HD2  H  N N 333 
LYS HD3  H  N N 334 
LYS HE2  H  N N 335 
LYS HE3  H  N N 336 
LYS HZ1  H  N N 337 
LYS HZ2  H  N N 338 
LYS HZ3  H  N N 339 
LYS HXT  H  N N 340 
MET N    N  N N 341 
MET CA   C  N S 342 
MET C    C  N N 343 
MET O    O  N N 344 
MET CB   C  N N 345 
MET CG   C  N N 346 
MET SD   S  N N 347 
MET CE   C  N N 348 
MET OXT  O  N N 349 
MET H    H  N N 350 
MET H2   H  N N 351 
MET HA   H  N N 352 
MET HB2  H  N N 353 
MET HB3  H  N N 354 
MET HG2  H  N N 355 
MET HG3  H  N N 356 
MET HE1  H  N N 357 
MET HE2  H  N N 358 
MET HE3  H  N N 359 
MET HXT  H  N N 360 
SER N    N  N N 361 
SER CA   C  N S 362 
SER C    C  N N 363 
SER O    O  N N 364 
SER CB   C  N N 365 
SER OG   O  N N 366 
SER OXT  O  N N 367 
SER H    H  N N 368 
SER H2   H  N N 369 
SER HA   H  N N 370 
SER HB2  H  N N 371 
SER HB3  H  N N 372 
SER HG   H  N N 373 
SER HXT  H  N N 374 
THR N    N  N N 375 
THR CA   C  N S 376 
THR C    C  N N 377 
THR O    O  N N 378 
THR CB   C  N R 379 
THR OG1  O  N N 380 
THR CG2  C  N N 381 
THR OXT  O  N N 382 
THR H    H  N N 383 
THR H2   H  N N 384 
THR HA   H  N N 385 
THR HB   H  N N 386 
THR HG1  H  N N 387 
THR HG21 H  N N 388 
THR HG22 H  N N 389 
THR HG23 H  N N 390 
THR HXT  H  N N 391 
TRP N    N  N N 392 
TRP CA   C  N S 393 
TRP C    C  N N 394 
TRP O    O  N N 395 
TRP CB   C  N N 396 
TRP CG   C  Y N 397 
TRP CD1  C  Y N 398 
TRP CD2  C  Y N 399 
TRP NE1  N  Y N 400 
TRP CE2  C  Y N 401 
TRP CE3  C  Y N 402 
TRP CZ2  C  Y N 403 
TRP CZ3  C  Y N 404 
TRP CH2  C  Y N 405 
TRP OXT  O  N N 406 
TRP H    H  N N 407 
TRP H2   H  N N 408 
TRP HA   H  N N 409 
TRP HB2  H  N N 410 
TRP HB3  H  N N 411 
TRP HD1  H  N N 412 
TRP HE1  H  N N 413 
TRP HE3  H  N N 414 
TRP HZ2  H  N N 415 
TRP HZ3  H  N N 416 
TRP HH2  H  N N 417 
TRP HXT  H  N N 418 
VAL N    N  N N 419 
VAL CA   C  N S 420 
VAL C    C  N N 421 
VAL O    O  N N 422 
VAL CB   C  N N 423 
VAL CG1  C  N N 424 
VAL CG2  C  N N 425 
VAL OXT  O  N N 426 
VAL H    H  N N 427 
VAL H2   H  N N 428 
VAL HA   H  N N 429 
VAL HB   H  N N 430 
VAL HG11 H  N N 431 
VAL HG12 H  N N 432 
VAL HG13 H  N N 433 
VAL HG21 H  N N 434 
VAL HG22 H  N N 435 
VAL HG23 H  N N 436 
VAL HXT  H  N N 437 
# 
loop_
_chem_comp_bond.comp_id 
_chem_comp_bond.atom_id_1 
_chem_comp_bond.atom_id_2 
_chem_comp_bond.value_order 
_chem_comp_bond.pdbx_aromatic_flag 
_chem_comp_bond.pdbx_stereo_config 
_chem_comp_bond.pdbx_ordinal 
ACE C   O    doub N N 1   
ACE C   CH3  sing N N 2   
ACE C   H    sing N N 3   
ACE CH3 H1   sing N N 4   
ACE CH3 H2   sing N N 5   
ACE CH3 H3   sing N N 6   
ALA N   CA   sing N N 7   
ALA N   H    sing N N 8   
ALA N   H2   sing N N 9   
ALA CA  C    sing N N 10  
ALA CA  CB   sing N N 11  
ALA CA  HA   sing N N 12  
ALA C   O    doub N N 13  
ALA C   OXT  sing N N 14  
ALA CB  HB1  sing N N 15  
ALA CB  HB2  sing N N 16  
ALA CB  HB3  sing N N 17  
ALA OXT HXT  sing N N 18  
ARG N   CA   sing N N 19  
ARG N   H    sing N N 20  
ARG N   H2   sing N N 21  
ARG CA  C    sing N N 22  
ARG CA  CB   sing N N 23  
ARG CA  HA   sing N N 24  
ARG C   O    doub N N 25  
ARG C   OXT  sing N N 26  
ARG CB  CG   sing N N 27  
ARG CB  HB2  sing N N 28  
ARG CB  HB3  sing N N 29  
ARG CG  CD   sing N N 30  
ARG CG  HG2  sing N N 31  
ARG CG  HG3  sing N N 32  
ARG CD  NE   sing N N 33  
ARG CD  HD2  sing N N 34  
ARG CD  HD3  sing N N 35  
ARG NE  CZ   sing N N 36  
ARG NE  HE   sing N N 37  
ARG CZ  NH1  sing N N 38  
ARG CZ  NH2  doub N N 39  
ARG NH1 HH11 sing N N 40  
ARG NH1 HH12 sing N N 41  
ARG NH2 HH21 sing N N 42  
ARG NH2 HH22 sing N N 43  
ARG OXT HXT  sing N N 44  
ASN N   CA   sing N N 45  
ASN N   H    sing N N 46  
ASN N   H2   sing N N 47  
ASN CA  C    sing N N 48  
ASN CA  CB   sing N N 49  
ASN CA  HA   sing N N 50  
ASN C   O    doub N N 51  
ASN C   OXT  sing N N 52  
ASN CB  CG   sing N N 53  
ASN CB  HB2  sing N N 54  
ASN CB  HB3  sing N N 55  
ASN CG  OD1  doub N N 56  
ASN CG  ND2  sing N N 57  
ASN ND2 HD21 sing N N 58  
ASN ND2 HD22 sing N N 59  
ASN OXT HXT  sing N N 60  
ASP N   CA   sing N N 61  
ASP N   H    sing N N 62  
ASP N   H2   sing N N 63  
ASP CA  C    sing N N 64  
ASP CA  CB   sing N N 65  
ASP CA  HA   sing N N 66  
ASP C   O    doub N N 67  
ASP C   OXT  sing N N 68  
ASP CB  CG   sing N N 69  
ASP CB  HB2  sing N N 70  
ASP CB  HB3  sing N N 71  
ASP CG  OD1  doub N N 72  
ASP CG  OD2  sing N N 73  
ASP OD2 HD2  sing N N 74  
ASP OXT HXT  sing N N 75  
DAL N   CA   sing N N 76  
DAL N   H    sing N N 77  
DAL N   H2   sing N N 78  
DAL CA  CB   sing N N 79  
DAL CA  C    sing N N 80  
DAL CA  HA   sing N N 81  
DAL CB  HB1  sing N N 82  
DAL CB  HB2  sing N N 83  
DAL CB  HB3  sing N N 84  
DAL C   O    doub N N 85  
DAL C   OXT  sing N N 86  
DAL OXT HXT  sing N N 87  
DCY N   CA   sing N N 88  
DCY N   H    sing N N 89  
DCY N   H2   sing N N 90  
DCY CA  C    sing N N 91  
DCY CA  CB   sing N N 92  
DCY CA  HA   sing N N 93  
DCY C   O    doub N N 94  
DCY C   OXT  sing N N 95  
DCY CB  SG   sing N N 96  
DCY CB  HB2  sing N N 97  
DCY CB  HB3  sing N N 98  
DCY SG  HG   sing N N 99  
DCY OXT HXT  sing N N 100 
DGL N   CA   sing N N 101 
DGL N   H    sing N N 102 
DGL N   H2   sing N N 103 
DGL CA  C    sing N N 104 
DGL CA  CB   sing N N 105 
DGL CA  HA   sing N N 106 
DGL C   O    doub N N 107 
DGL C   OXT  sing N N 108 
DGL CB  CG   sing N N 109 
DGL CB  HB2  sing N N 110 
DGL CB  HB3  sing N N 111 
DGL CG  CD   sing N N 112 
DGL CG  HG2  sing N N 113 
DGL CG  HG3  sing N N 114 
DGL CD  OE1  doub N N 115 
DGL CD  OE2  sing N N 116 
DGL OE2 HE2  sing N N 117 
DGL OXT HXT  sing N N 118 
DGN N   CA   sing N N 119 
DGN N   H    sing N N 120 
DGN N   H2   sing N N 121 
DGN CA  C    sing N N 122 
DGN CA  CB   sing N N 123 
DGN CA  HA   sing N N 124 
DGN C   O    doub N N 125 
DGN C   OXT  sing N N 126 
DGN OXT HXT  sing N N 127 
DGN CB  CG   sing N N 128 
DGN CB  HB2  sing N N 129 
DGN CB  HB3  sing N N 130 
DGN CG  CD   sing N N 131 
DGN CG  HG2  sing N N 132 
DGN CG  HG3  sing N N 133 
DGN CD  OE1  doub N N 134 
DGN CD  NE2  sing N N 135 
DGN NE2 HE21 sing N N 136 
DGN NE2 HE22 sing N N 137 
DLE N   CA   sing N N 138 
DLE N   H    sing N N 139 
DLE N   H2   sing N N 140 
DLE CA  CB   sing N N 141 
DLE CA  C    sing N N 142 
DLE CA  HA   sing N N 143 
DLE CB  CG   sing N N 144 
DLE CB  HB2  sing N N 145 
DLE CB  HB3  sing N N 146 
DLE CG  CD1  sing N N 147 
DLE CG  CD2  sing N N 148 
DLE CG  HG   sing N N 149 
DLE CD1 HD11 sing N N 150 
DLE CD1 HD12 sing N N 151 
DLE CD1 HD13 sing N N 152 
DLE CD2 HD21 sing N N 153 
DLE CD2 HD22 sing N N 154 
DLE CD2 HD23 sing N N 155 
DLE C   O    doub N N 156 
DLE C   OXT  sing N N 157 
DLE OXT HXT  sing N N 158 
DPN N   CA   sing N N 159 
DPN N   H    sing N N 160 
DPN N   H2   sing N N 161 
DPN CA  C    sing N N 162 
DPN CA  CB   sing N N 163 
DPN CA  HA   sing N N 164 
DPN C   O    doub N N 165 
DPN C   OXT  sing N N 166 
DPN OXT HXT  sing N N 167 
DPN CB  CG   sing N N 168 
DPN CB  HB2  sing N N 169 
DPN CB  HB3  sing N N 170 
DPN CG  CD1  doub Y N 171 
DPN CG  CD2  sing Y N 172 
DPN CD1 CE1  sing Y N 173 
DPN CD1 HD1  sing N N 174 
DPN CD2 CE2  doub Y N 175 
DPN CD2 HD2  sing N N 176 
DPN CE1 CZ   doub Y N 177 
DPN CE1 HE1  sing N N 178 
DPN CE2 CZ   sing Y N 179 
DPN CE2 HE2  sing N N 180 
DPN CZ  HZ   sing N N 181 
DTR N   CA   sing N N 182 
DTR N   H    sing N N 183 
DTR N   H2   sing N N 184 
DTR CA  CB   sing N N 185 
DTR CA  C    sing N N 186 
DTR CA  HA   sing N N 187 
DTR CB  CG   sing N N 188 
DTR CB  HB2  sing N N 189 
DTR CB  HB3  sing N N 190 
DTR CG  CD1  doub Y N 191 
DTR CG  CD2  sing Y N 192 
DTR CD1 NE1  sing Y N 193 
DTR CD1 HD1  sing N N 194 
DTR NE1 CE2  sing Y N 195 
DTR NE1 HE1  sing N N 196 
DTR CE2 CZ2  doub Y N 197 
DTR CE2 CD2  sing Y N 198 
DTR CZ2 CH2  sing Y N 199 
DTR CZ2 HZ2  sing N N 200 
DTR CH2 CZ3  doub Y N 201 
DTR CH2 HH2  sing N N 202 
DTR CZ3 CE3  sing Y N 203 
DTR CZ3 HZ3  sing N N 204 
DTR CE3 CD2  doub Y N 205 
DTR CE3 HE3  sing N N 206 
DTR C   O    doub N N 207 
DTR C   OXT  sing N N 208 
DTR OXT HXT  sing N N 209 
GLN N   CA   sing N N 210 
GLN N   H    sing N N 211 
GLN N   H2   sing N N 212 
GLN CA  C    sing N N 213 
GLN CA  CB   sing N N 214 
GLN CA  HA   sing N N 215 
GLN C   O    doub N N 216 
GLN C   OXT  sing N N 217 
GLN CB  CG   sing N N 218 
GLN CB  HB2  sing N N 219 
GLN CB  HB3  sing N N 220 
GLN CG  CD   sing N N 221 
GLN CG  HG2  sing N N 222 
GLN CG  HG3  sing N N 223 
GLN CD  OE1  doub N N 224 
GLN CD  NE2  sing N N 225 
GLN NE2 HE21 sing N N 226 
GLN NE2 HE22 sing N N 227 
GLN OXT HXT  sing N N 228 
GLU N   CA   sing N N 229 
GLU N   H    sing N N 230 
GLU N   H2   sing N N 231 
GLU CA  C    sing N N 232 
GLU CA  CB   sing N N 233 
GLU CA  HA   sing N N 234 
GLU C   O    doub N N 235 
GLU C   OXT  sing N N 236 
GLU CB  CG   sing N N 237 
GLU CB  HB2  sing N N 238 
GLU CB  HB3  sing N N 239 
GLU CG  CD   sing N N 240 
GLU CG  HG2  sing N N 241 
GLU CG  HG3  sing N N 242 
GLU CD  OE1  doub N N 243 
GLU CD  OE2  sing N N 244 
GLU OE2 HE2  sing N N 245 
GLU OXT HXT  sing N N 246 
GLY N   CA   sing N N 247 
GLY N   H    sing N N 248 
GLY N   H2   sing N N 249 
GLY CA  C    sing N N 250 
GLY CA  HA2  sing N N 251 
GLY CA  HA3  sing N N 252 
GLY C   O    doub N N 253 
GLY C   OXT  sing N N 254 
GLY OXT HXT  sing N N 255 
HOH O   H1   sing N N 256 
HOH O   H2   sing N N 257 
ILE N   CA   sing N N 258 
ILE N   H    sing N N 259 
ILE N   H2   sing N N 260 
ILE CA  C    sing N N 261 
ILE CA  CB   sing N N 262 
ILE CA  HA   sing N N 263 
ILE C   O    doub N N 264 
ILE C   OXT  sing N N 265 
ILE CB  CG1  sing N N 266 
ILE CB  CG2  sing N N 267 
ILE CB  HB   sing N N 268 
ILE CG1 CD1  sing N N 269 
ILE CG1 HG12 sing N N 270 
ILE CG1 HG13 sing N N 271 
ILE CG2 HG21 sing N N 272 
ILE CG2 HG22 sing N N 273 
ILE CG2 HG23 sing N N 274 
ILE CD1 HD11 sing N N 275 
ILE CD1 HD12 sing N N 276 
ILE CD1 HD13 sing N N 277 
ILE OXT HXT  sing N N 278 
LEU N   CA   sing N N 279 
LEU N   H    sing N N 280 
LEU N   H2   sing N N 281 
LEU CA  C    sing N N 282 
LEU CA  CB   sing N N 283 
LEU CA  HA   sing N N 284 
LEU C   O    doub N N 285 
LEU C   OXT  sing N N 286 
LEU CB  CG   sing N N 287 
LEU CB  HB2  sing N N 288 
LEU CB  HB3  sing N N 289 
LEU CG  CD1  sing N N 290 
LEU CG  CD2  sing N N 291 
LEU CG  HG   sing N N 292 
LEU CD1 HD11 sing N N 293 
LEU CD1 HD12 sing N N 294 
LEU CD1 HD13 sing N N 295 
LEU CD2 HD21 sing N N 296 
LEU CD2 HD22 sing N N 297 
LEU CD2 HD23 sing N N 298 
LEU OXT HXT  sing N N 299 
LYS N   CA   sing N N 300 
LYS N   H    sing N N 301 
LYS N   H2   sing N N 302 
LYS CA  C    sing N N 303 
LYS CA  CB   sing N N 304 
LYS CA  HA   sing N N 305 
LYS C   O    doub N N 306 
LYS C   OXT  sing N N 307 
LYS CB  CG   sing N N 308 
LYS CB  HB2  sing N N 309 
LYS CB  HB3  sing N N 310 
LYS CG  CD   sing N N 311 
LYS CG  HG2  sing N N 312 
LYS CG  HG3  sing N N 313 
LYS CD  CE   sing N N 314 
LYS CD  HD2  sing N N 315 
LYS CD  HD3  sing N N 316 
LYS CE  NZ   sing N N 317 
LYS CE  HE2  sing N N 318 
LYS CE  HE3  sing N N 319 
LYS NZ  HZ1  sing N N 320 
LYS NZ  HZ2  sing N N 321 
LYS NZ  HZ3  sing N N 322 
LYS OXT HXT  sing N N 323 
MET N   CA   sing N N 324 
MET N   H    sing N N 325 
MET N   H2   sing N N 326 
MET CA  C    sing N N 327 
MET CA  CB   sing N N 328 
MET CA  HA   sing N N 329 
MET C   O    doub N N 330 
MET C   OXT  sing N N 331 
MET CB  CG   sing N N 332 
MET CB  HB2  sing N N 333 
MET CB  HB3  sing N N 334 
MET CG  SD   sing N N 335 
MET CG  HG2  sing N N 336 
MET CG  HG3  sing N N 337 
MET SD  CE   sing N N 338 
MET CE  HE1  sing N N 339 
MET CE  HE2  sing N N 340 
MET CE  HE3  sing N N 341 
MET OXT HXT  sing N N 342 
SER N   CA   sing N N 343 
SER N   H    sing N N 344 
SER N   H2   sing N N 345 
SER CA  C    sing N N 346 
SER CA  CB   sing N N 347 
SER CA  HA   sing N N 348 
SER C   O    doub N N 349 
SER C   OXT  sing N N 350 
SER CB  OG   sing N N 351 
SER CB  HB2  sing N N 352 
SER CB  HB3  sing N N 353 
SER OG  HG   sing N N 354 
SER OXT HXT  sing N N 355 
THR N   CA   sing N N 356 
THR N   H    sing N N 357 
THR N   H2   sing N N 358 
THR CA  C    sing N N 359 
THR CA  CB   sing N N 360 
THR CA  HA   sing N N 361 
THR C   O    doub N N 362 
THR C   OXT  sing N N 363 
THR CB  OG1  sing N N 364 
THR CB  CG2  sing N N 365 
THR CB  HB   sing N N 366 
THR OG1 HG1  sing N N 367 
THR CG2 HG21 sing N N 368 
THR CG2 HG22 sing N N 369 
THR CG2 HG23 sing N N 370 
THR OXT HXT  sing N N 371 
TRP N   CA   sing N N 372 
TRP N   H    sing N N 373 
TRP N   H2   sing N N 374 
TRP CA  C    sing N N 375 
TRP CA  CB   sing N N 376 
TRP CA  HA   sing N N 377 
TRP C   O    doub N N 378 
TRP C   OXT  sing N N 379 
TRP CB  CG   sing N N 380 
TRP CB  HB2  sing N N 381 
TRP CB  HB3  sing N N 382 
TRP CG  CD1  doub Y N 383 
TRP CG  CD2  sing Y N 384 
TRP CD1 NE1  sing Y N 385 
TRP CD1 HD1  sing N N 386 
TRP CD2 CE2  doub Y N 387 
TRP CD2 CE3  sing Y N 388 
TRP NE1 CE2  sing Y N 389 
TRP NE1 HE1  sing N N 390 
TRP CE2 CZ2  sing Y N 391 
TRP CE3 CZ3  doub Y N 392 
TRP CE3 HE3  sing N N 393 
TRP CZ2 CH2  doub Y N 394 
TRP CZ2 HZ2  sing N N 395 
TRP CZ3 CH2  sing Y N 396 
TRP CZ3 HZ3  sing N N 397 
TRP CH2 HH2  sing N N 398 
TRP OXT HXT  sing N N 399 
VAL N   CA   sing N N 400 
VAL N   H    sing N N 401 
VAL N   H2   sing N N 402 
VAL CA  C    sing N N 403 
VAL CA  CB   sing N N 404 
VAL CA  HA   sing N N 405 
VAL C   O    doub N N 406 
VAL C   OXT  sing N N 407 
VAL CB  CG1  sing N N 408 
VAL CB  CG2  sing N N 409 
VAL CB  HB   sing N N 410 
VAL CG1 HG11 sing N N 411 
VAL CG1 HG12 sing N N 412 
VAL CG1 HG13 sing N N 413 
VAL CG2 HG21 sing N N 414 
VAL CG2 HG22 sing N N 415 
VAL CG2 HG23 sing N N 416 
VAL OXT HXT  sing N N 417 
# 
_pdbx_initial_refinement_model.id               1 
_pdbx_initial_refinement_model.entity_id_list   ? 
_pdbx_initial_refinement_model.type             'experimental model' 
_pdbx_initial_refinement_model.source_name      PDB 
_pdbx_initial_refinement_model.accession_code   1CZQ 
_pdbx_initial_refinement_model.details          'PDB entry 1CZQ' 
# 
_atom_sites.entry_id                    2Q3I 
_atom_sites.fract_transf_matrix[1][1]   0.01165171 
_atom_sites.fract_transf_matrix[1][2]   -0.01956759 
_atom_sites.fract_transf_matrix[1][3]   -0.00008537 
_atom_sites.fract_transf_matrix[2][1]   0.00535923 
_atom_sites.fract_transf_matrix[2][2]   -0.01014752 
_atom_sites.fract_transf_matrix[2][3]   0.01967134 
_atom_sites.fract_transf_matrix[3][1]   -0.01265740 
_atom_sites.fract_transf_matrix[3][2]   -0.00753506 
_atom_sites.fract_transf_matrix[3][3]   -0.00043862 
_atom_sites.fract_transf_vector[1]      0.600268 
_atom_sites.fract_transf_vector[2]      0.159654 
_atom_sites.fract_transf_vector[3]      0.398825 
# 
loop_
_atom_type.symbol 
C  
CL 
N  
O  
S  
# 
loop_
_atom_site.group_PDB 
_atom_site.id 
_atom_site.type_symbol 
_atom_site.label_atom_id 
_atom_site.label_alt_id 
_atom_site.label_comp_id 
_atom_site.label_asym_id 
_atom_site.label_entity_id 
_atom_site.label_seq_id 
_atom_site.pdbx_PDB_ins_code 
_atom_site.Cartn_x 
_atom_site.Cartn_y 
_atom_site.Cartn_z 
_atom_site.occupancy 
_atom_site.B_iso_or_equiv 
_atom_site.pdbx_formal_charge 
_atom_site.auth_seq_id 
_atom_site.auth_comp_id 
_atom_site.auth_asym_id 
_atom_site.auth_atom_id 
_atom_site.pdbx_PDB_model_num 
HETATM 1   C  C   . ACE A 1 1  ? -35.595 -14.981 4.738   1.00 27.28 ? 0   ACE A C   1 
HETATM 2   O  O   . ACE A 1 1  ? -34.707 -14.222 4.324   1.00 27.38 ? 0   ACE A O   1 
HETATM 3   C  CH3 . ACE A 1 1  ? -36.945 -15.001 4.084   1.00 28.05 ? 0   ACE A CH3 1 
ATOM   4   N  N   . ARG A 1 2  ? -35.393 -15.826 5.735   1.00 25.00 ? 1   ARG A N   1 
ATOM   5   C  CA  . ARG A 1 2  ? -34.108 -15.801 6.438   1.00 26.54 ? 1   ARG A CA  1 
ATOM   6   C  C   . ARG A 1 2  ? -32.916 -16.204 5.577   1.00 23.63 ? 1   ARG A C   1 
ATOM   7   O  O   . ARG A 1 2  ? -31.816 -15.661 5.734   1.00 24.65 ? 1   ARG A O   1 
ATOM   8   C  CB  . ARG A 1 2  ? -34.161 -16.697 7.661   1.00 28.37 ? 1   ARG A CB  1 
ATOM   9   C  CG  . ARG A 1 2  ? -32.954 -16.558 8.552   1.00 34.10 ? 1   ARG A CG  1 
ATOM   10  C  CD  . ARG A 1 2  ? -32.679 -15.100 8.879   1.00 37.54 ? 1   ARG A CD  1 
ATOM   11  N  NE  . ARG A 1 2  ? -33.781 -14.475 9.603   1.00 41.61 ? 1   ARG A NE  1 
ATOM   12  C  CZ  . ARG A 1 2  ? -33.870 -13.169 9.826   1.00 43.94 ? 1   ARG A CZ  1 
ATOM   13  N  NH1 . ARG A 1 2  ? -32.920 -12.352 9.374   1.00 44.13 ? 1   ARG A NH1 1 
ATOM   14  N  NH2 . ARG A 1 2  ? -34.904 -12.680 10.506  1.00 44.04 ? 1   ARG A NH2 1 
ATOM   15  N  N   . MET A 1 3  ? -33.112 -17.144 4.671   1.00 23.12 ? 2   MET A N   1 
ATOM   16  C  CA  . MET A 1 3  ? -31.990 -17.555 3.851   1.00 22.72 ? 2   MET A CA  1 
ATOM   17  C  C   . MET A 1 3  ? -31.495 -16.384 3.020   1.00 22.62 ? 2   MET A C   1 
ATOM   18  O  O   . MET A 1 3  ? -30.294 -16.228 2.845   1.00 20.80 ? 2   MET A O   1 
ATOM   19  C  CB  . MET A 1 3  ? -32.378 -18.676 2.890   1.00 28.03 ? 2   MET A CB  1 
ATOM   20  C  CG  . MET A 1 3  ? -31.220 -19.528 2.547   1.00 34.57 ? 2   MET A CG  1 
ATOM   21  S  SD  . MET A 1 3  ? -31.046 -20.610 3.954   1.00 41.83 ? 2   MET A SD  1 
ATOM   22  C  CE  . MET A 1 3  ? -31.700 -22.030 3.240   1.00 35.82 ? 2   MET A CE  1 
ATOM   23  N  N   . LYS A 1 4  ? -32.415 -15.591 2.477   1.00 23.05 ? 3   LYS A N   1 
ATOM   24  C  CA  . LYS A 1 4  ? -32.001 -14.437 1.674   1.00 23.70 ? 3   LYS A CA  1 
ATOM   25  C  C   . LYS A 1 4  ? -31.216 -13.429 2.522   1.00 23.91 ? 3   LYS A C   1 
ATOM   26  O  O   . LYS A 1 4  ? -30.216 -12.856 2.050   1.00 23.11 ? 3   LYS A O   1 
ATOM   27  C  CB  . LYS A 1 4  ? -33.225 -13.746 1.028   1.00 26.52 ? 3   LYS A CB  1 
ATOM   28  C  CG  . LYS A 1 4  ? -32.865 -12.465 0.314   1.00 33.16 ? 3   LYS A CG  1 
ATOM   29  C  CD  . LYS A 1 4  ? -32.980 -11.266 1.214   1.00 38.22 ? 3   LYS A CD  1 
ATOM   30  C  CE  . LYS A 1 4  ? -34.192 -10.440 0.832   1.00 39.66 ? 3   LYS A CE  1 
ATOM   31  N  NZ  . LYS A 1 4  ? -34.052 -10.000 -0.582  1.00 42.14 ? 3   LYS A NZ  1 
ATOM   32  N  N   . GLN A 1 5  ? -31.634 -13.211 3.772   1.00 23.06 ? 4   GLN A N   1 
ATOM   33  C  CA  . GLN A 1 5  ? -30.923 -12.263 4.637   1.00 24.64 ? 4   GLN A CA  1 
ATOM   34  C  C   . GLN A 1 5  ? -29.506 -12.767 4.919   1.00 22.37 ? 4   GLN A C   1 
ATOM   35  O  O   . GLN A 1 5  ? -28.533 -11.988 4.869   1.00 23.03 ? 4   GLN A O   1 
ATOM   36  C  CB  . GLN A 1 5  ? -31.707 -12.015 5.917   1.00 28.69 ? 4   GLN A CB  1 
ATOM   37  C  CG  . GLN A 1 5  ? -33.146 -11.550 5.646   1.00 37.54 ? 4   GLN A CG  1 
ATOM   38  C  CD  . GLN A 1 5  ? -33.245 -10.328 4.732   1.00 42.84 ? 4   GLN A CD  1 
ATOM   39  O  OE1 . GLN A 1 5  ? -32.622 -10.272 3.670   1.00 47.23 ? 4   GLN A OE1 1 
ATOM   40  N  NE2 . GLN A 1 5  ? -34.047 -9.354  5.137   1.00 44.59 ? 4   GLN A NE2 1 
ATOM   41  N  N   . ILE A 1 6  ? -29.376 -14.078 5.159   1.00 20.19 ? 5   ILE A N   1 
ATOM   42  C  CA  . ILE A 1 6  ? -28.056 -14.676 5.360   1.00 19.24 ? 5   ILE A CA  1 
ATOM   43  C  C   . ILE A 1 6  ? -27.199 -14.525 4.109   1.00 18.88 ? 5   ILE A C   1 
ATOM   44  O  O   . ILE A 1 6  ? -26.035 -14.173 4.209   1.00 19.23 ? 5   ILE A O   1 
ATOM   45  C  CB  . ILE A 1 6  ? -28.196 -16.167 5.739   1.00 18.21 ? 5   ILE A CB  1 
ATOM   46  C  CG1 . ILE A 1 6  ? -28.711 -16.252 7.194   1.00 20.91 ? 5   ILE A CG1 1 
ATOM   47  C  CG2 . ILE A 1 6  ? -26.873 -16.920 5.585   1.00 20.94 ? 5   ILE A CG2 1 
ATOM   48  C  CD1 . ILE A 1 6  ? -29.221 -17.644 7.551   1.00 20.89 ? 5   ILE A CD1 1 
ATOM   49  N  N   . GLU A 1 7  ? -27.774 -14.806 2.935   1.00 17.49 ? 6   GLU A N   1 
ATOM   50  C  CA  . GLU A 1 7  ? -27.038 -14.698 1.686   1.00 17.58 ? 6   GLU A CA  1 
ATOM   51  C  C   . GLU A 1 7  ? -26.587 -13.264 1.437   1.00 17.66 ? 6   GLU A C   1 
ATOM   52  O  O   . GLU A 1 7  ? -25.441 -13.044 1.044   1.00 18.42 ? 6   GLU A O   1 
ATOM   53  C  CB  . GLU A 1 7  ? -27.925 -15.196 0.542   1.00 18.69 ? 6   GLU A CB  1 
ATOM   54  C  CG  . GLU A 1 7  ? -28.117 -16.727 0.574   1.00 19.98 ? 6   GLU A CG  1 
ATOM   55  C  CD  . GLU A 1 7  ? -29.333 -17.196 -0.222  1.00 24.68 ? 6   GLU A CD  1 
ATOM   56  O  OE1 . GLU A 1 7  ? -30.149 -16.351 -0.655  1.00 25.47 ? 6   GLU A OE1 1 
ATOM   57  O  OE2 . GLU A 1 7  ? -29.473 -18.430 -0.383  1.00 28.38 ? 6   GLU A OE2 1 
ATOM   58  N  N   . ASP A 1 8  ? -27.467 -12.296 1.663   1.00 19.77 ? 7   ASP A N   1 
ATOM   59  C  CA  . ASP A 1 8  ? -27.080 -10.911 1.422   1.00 21.08 ? 7   ASP A CA  1 
ATOM   60  C  C   . ASP A 1 8  ? -25.962 -10.495 2.363   1.00 22.00 ? 7   ASP A C   1 
ATOM   61  O  O   . ASP A 1 8  ? -25.063 -9.756  1.953   1.00 22.18 ? 7   ASP A O   1 
ATOM   62  C  CB  . ASP A 1 8  ? -28.289 -9.976  1.573   1.00 24.62 ? 7   ASP A CB  1 
ATOM   63  C  CG  . ASP A 1 8  ? -29.346 -10.195 0.493   1.00 23.74 ? 7   ASP A CG  1 
ATOM   64  O  OD1 . ASP A 1 8  ? -30.445 -9.632  0.642   1.00 30.47 ? 7   ASP A OD1 1 
ATOM   65  O  OD2 . ASP A 1 8  ? -29.100 -10.918 -0.487  1.00 27.07 ? 7   ASP A OD2 1 
ATOM   66  N  N   . LYS A 1 9  ? -25.998 -10.980 3.603   1.00 20.29 ? 8   LYS A N   1 
ATOM   67  C  CA  . LYS A 1 9  ? -24.945 -10.629 4.568   1.00 21.91 ? 8   LYS A CA  1 
ATOM   68  C  C   . LYS A 1 9  ? -23.613 -11.271 4.182   1.00 20.40 ? 8   LYS A C   1 
ATOM   69  O  O   . LYS A 1 9  ? -22.529 -10.663 4.320   1.00 21.26 ? 8   LYS A O   1 
ATOM   70  C  CB  . LYS A 1 9  ? -25.382 -11.041 5.988   1.00 24.53 ? 8   LYS A CB  1 
ATOM   71  C  CG  . LYS A 1 9  ? -24.360 -10.727 7.079   1.00 26.58 ? 8   LYS A CG  1 
ATOM   72  C  CD  . LYS A 1 9  ? -23.821 -9.298  7.004   1.00 31.07 ? 8   LYS A CD  1 
ATOM   73  C  CE  . LYS A 1 9  ? -24.797 -8.279  7.471   1.00 31.68 ? 8   LYS A CE  1 
ATOM   74  N  NZ  . LYS A 1 9  ? -24.059 -6.970  7.574   1.00 33.86 ? 8   LYS A NZ  1 
ATOM   75  N  N   . ILE A 1 10 ? -23.668 -12.508 3.713   1.00 18.81 ? 9   ILE A N   1 
ATOM   76  C  CA  . ILE A 1 10 ? -22.446 -13.166 3.271   1.00 17.67 ? 9   ILE A CA  1 
ATOM   77  C  C   . ILE A 1 10 ? -21.827 -12.387 2.090   1.00 19.37 ? 9   ILE A C   1 
ATOM   78  O  O   . ILE A 1 10 ? -20.635 -12.187 2.050   1.00 18.83 ? 9   ILE A O   1 
ATOM   79  C  CB  . ILE A 1 10 ? -22.721 -14.626 2.881   1.00 17.77 ? 9   ILE A CB  1 
ATOM   80  C  CG1 . ILE A 1 10 ? -22.989 -15.437 4.149   1.00 20.60 ? 9   ILE A CG1 1 
ATOM   81  C  CG2 . ILE A 1 10 ? -21.541 -15.203 2.069   1.00 20.43 ? 9   ILE A CG2 1 
ATOM   82  C  CD1 . ILE A 1 10 ? -23.468 -16.873 3.846   1.00 20.54 ? 9   ILE A CD1 1 
ATOM   83  N  N   . GLU A 1 11 ? -22.652 -11.922 1.153   1.00 19.40 ? 10  GLU A N   1 
ATOM   84  C  CA  . GLU A 1 11 ? -22.090 -11.174 0.021   1.00 21.12 ? 10  GLU A CA  1 
ATOM   85  C  C   . GLU A 1 11 ? -21.463 -9.858  0.522   1.00 21.66 ? 10  GLU A C   1 
ATOM   86  O  O   . GLU A 1 11 ? -20.398 -9.443  0.039   1.00 22.38 ? 10  GLU A O   1 
ATOM   87  C  CB  . GLU A 1 11 ? -23.174 -10.932 -1.066  1.00 23.21 ? 10  GLU A CB  1 
ATOM   88  C  CG  . GLU A 1 11 ? -23.473 -12.208 -1.911  1.00 27.64 ? 10  GLU A CG  1 
ATOM   89  C  CD  . GLU A 1 11 ? -24.487 -11.989 -3.025  1.00 31.01 ? 10  GLU A CD  1 
ATOM   90  O  OE1 . GLU A 1 11 ? -24.705 -10.815 -3.378  1.00 31.33 ? 10  GLU A OE1 1 
ATOM   91  O  OE2 . GLU A 1 11 ? -25.069 -12.990 -3.544  1.00 31.23 ? 10  GLU A OE2 1 
ATOM   92  N  N   . GLU A 1 12 ? -22.075 -9.226  1.519   1.00 21.48 ? 11  GLU A N   1 
ATOM   93  C  CA  . GLU A 1 12 ? -21.525 -7.997  2.095   1.00 23.32 ? 11  GLU A CA  1 
ATOM   94  C  C   . GLU A 1 12 ? -20.181 -8.259  2.788   1.00 22.99 ? 11  GLU A C   1 
ATOM   95  O  O   . GLU A 1 12 ? -19.251 -7.422  2.703   1.00 24.65 ? 11  GLU A O   1 
ATOM   96  C  CB  . GLU A 1 12 ? -22.496 -7.390  3.092   1.00 25.95 ? 11  GLU A CB  1 
ATOM   97  C  CG  . GLU A 1 12 ? -23.720 -6.783  2.434   1.00 29.74 ? 11  GLU A CG  1 
ATOM   98  C  CD  . GLU A 1 12 ? -24.916 -6.720  3.375   1.00 34.88 ? 11  GLU A CD  1 
ATOM   99  O  OE1 . GLU A 1 12 ? -24.712 -6.772  4.608   1.00 35.70 ? 11  GLU A OE1 1 
ATOM   100 O  OE2 . GLU A 1 12 ? -26.051 -6.614  2.862   1.00 38.35 ? 11  GLU A OE2 1 
ATOM   101 N  N   . ILE A 1 13 ? -20.076 -9.394  3.472   1.00 20.27 ? 12  ILE A N   1 
ATOM   102 C  CA  . ILE A 1 13 ? -18.814 -9.767  4.148   1.00 21.01 ? 12  ILE A CA  1 
ATOM   103 C  C   . ILE A 1 13 ? -17.749 -10.003 3.077   1.00 20.71 ? 12  ILE A C   1 
ATOM   104 O  O   . ILE A 1 13 ? -16.572 -9.627  3.265   1.00 21.44 ? 12  ILE A O   1 
ATOM   105 C  CB  . ILE A 1 13 ? -19.009 -11.035 4.995   1.00 19.65 ? 12  ILE A CB  1 
ATOM   106 C  CG1 . ILE A 1 13 ? -19.775 -10.664 6.271   1.00 21.40 ? 12  ILE A CG1 1 
ATOM   107 C  CG2 . ILE A 1 13 ? -17.637 -11.665 5.372   1.00 21.60 ? 12  ILE A CG2 1 
ATOM   108 C  CD1 . ILE A 1 13 ? -20.274 -11.884 7.066   1.00 22.54 ? 12  ILE A CD1 1 
ATOM   109 N  N   . GLU A 1 14 ? -18.118 -10.667 1.980   1.00 20.50 ? 13  GLU A N   1 
ATOM   110 C  CA  . GLU A 1 14 ? -17.193 -10.900 0.885   1.00 22.66 ? 13  GLU A CA  1 
ATOM   111 C  C   . GLU A 1 14 ? -16.683 -9.588  0.320   1.00 24.24 ? 13  GLU A C   1 
ATOM   112 O  O   . GLU A 1 14 ? -15.496 -9.437  0.058   1.00 23.92 ? 13  GLU A O   1 
ATOM   113 C  CB  . GLU A 1 14 ? -17.865 -11.690 -0.240  1.00 23.39 ? 13  GLU A CB  1 
ATOM   114 C  CG  . GLU A 1 14 ? -18.166 -13.159 0.095   1.00 26.95 ? 13  GLU A CG  1 
ATOM   115 C  CD  . GLU A 1 14 ? -19.152 -13.781 -0.896  1.00 30.15 ? 13  GLU A CD  1 
ATOM   116 O  OE1 . GLU A 1 14 ? -19.420 -14.989 -0.815  1.00 35.36 ? 13  GLU A OE1 1 
ATOM   117 O  OE2 . GLU A 1 14 ? -19.667 -13.053 -1.752  1.00 35.99 ? 13  GLU A OE2 1 
ATOM   118 N  N   . SER A 1 15 ? -17.599 -8.653  0.112   1.00 24.84 ? 14  SER A N   1 
ATOM   119 C  CA  . SER A 1 15 ? -17.261 -7.345  -0.436  1.00 27.63 ? 14  SER A CA  1 
ATOM   120 C  C   . SER A 1 15 ? -16.251 -6.651  0.456   1.00 28.21 ? 14  SER A C   1 
ATOM   121 O  O   . SER A 1 15 ? -15.274 -6.064  -0.031  1.00 29.28 ? 14  SER A O   1 
ATOM   122 C  CB  . SER A 1 15 ? -18.535 -6.486  -0.537  1.00 30.22 ? 14  SER A CB  1 
ATOM   123 O  OG  . SER A 1 15 ? -18.226 -5.114  -0.744  1.00 37.58 ? 14  SER A OG  1 
ATOM   124 N  N   . LYS A 1 16 ? -16.506 -6.676  1.763   1.00 26.36 ? 15  LYS A N   1 
ATOM   125 C  CA  . LYS A 1 16 ? -15.610 -6.030  2.725   1.00 28.51 ? 15  LYS A CA  1 
ATOM   126 C  C   . LYS A 1 16 ? -14.256 -6.721  2.753   1.00 28.28 ? 15  LYS A C   1 
ATOM   127 O  O   . LYS A 1 16 ? -13.218 -6.054  2.893   1.00 29.28 ? 15  LYS A O   1 
ATOM   128 C  CB  . LYS A 1 16 ? -16.212 -6.050  4.120   1.00 32.22 ? 15  LYS A CB  1 
ATOM   129 C  CG  . LYS A 1 16 ? -17.453 -5.175  4.228   1.00 38.18 ? 15  LYS A CG  1 
ATOM   130 C  CD  . LYS A 1 16 ? -18.032 -5.255  5.621   1.00 40.99 ? 15  LYS A CD  1 
ATOM   131 C  CE  . LYS A 1 16 ? -19.319 -4.451  5.721   1.00 42.47 ? 15  LYS A CE  1 
ATOM   132 N  NZ  . LYS A 1 16 ? -19.955 -4.697  7.031   1.00 45.19 ? 15  LYS A NZ  1 
ATOM   133 N  N   . GLN A 1 17 ? -14.247 -8.045  2.619   1.00 25.21 ? 16  GLN A N   1 
ATOM   134 C  CA  . GLN A 1 17 ? -12.988 -8.765  2.616   1.00 24.17 ? 16  GLN A CA  1 
ATOM   135 C  C   . GLN A 1 17 ? -12.136 -8.271  1.427   1.00 25.25 ? 16  GLN A C   1 
ATOM   136 O  O   . GLN A 1 17 ? -10.904 -8.152  1.537   1.00 24.70 ? 16  GLN A O   1 
ATOM   137 C  CB  . GLN A 1 17 ? -13.271 -10.270 2.514   1.00 26.25 ? 16  GLN A CB  1 
ATOM   138 C  CG  . GLN A 1 17 ? -12.083 -11.174 2.783   1.00 31.34 ? 16  GLN A CG  1 
ATOM   139 C  CD  . GLN A 1 17 ? -12.516 -12.611 3.045   1.00 33.31 ? 16  GLN A CD  1 
ATOM   140 O  OE1 . GLN A 1 17 ? -12.947 -13.319 2.126   1.00 35.87 ? 16  GLN A OE1 1 
ATOM   141 N  NE2 . GLN A 1 17 ? -12.434 -13.041 4.303   1.00 29.91 ? 16  GLN A NE2 1 
ATOM   142 N  N   . LYS A 1 18 ? -12.775 -7.998  0.280   1.00 24.47 ? 17  LYS A N   1 
ATOM   143 C  CA  . LYS A 1 18 ? -12.039 -7.511  -0.883  1.00 26.73 ? 17  LYS A CA  1 
ATOM   144 C  C   . LYS A 1 18 ? -11.484 -6.106  -0.620  1.00 27.15 ? 17  LYS A C   1 
ATOM   145 O  O   . LYS A 1 18 ? -10.345 -5.797  -1.015  1.00 28.55 ? 17  LYS A O   1 
ATOM   146 C  CB  . LYS A 1 18 ? -12.926 -7.510  -2.139  1.00 30.53 ? 17  LYS A CB  1 
ATOM   147 C  CG  . LYS A 1 18 ? -12.157 -7.105  -3.394  1.00 35.58 ? 17  LYS A CG  1 
ATOM   148 C  CD  . LYS A 1 18 ? -11.014 -8.077  -3.651  1.00 39.47 ? 17  LYS A CD  1 
ATOM   149 C  CE  . LYS A 1 18 ? -9.693  -7.360  -3.920  1.00 40.10 ? 17  LYS A CE  1 
ATOM   150 N  NZ  . LYS A 1 18 ? -8.671  -8.322  -4.425  1.00 44.77 ? 17  LYS A NZ  1 
ATOM   151 N  N   . LYS A 1 19 ? -12.250 -5.258  0.052   1.00 27.32 ? 18  LYS A N   1 
ATOM   152 C  CA  . LYS A 1 19 ? -11.752 -3.920  0.347   1.00 29.08 ? 18  LYS A CA  1 
ATOM   153 C  C   . LYS A 1 19 ? -10.587 -4.023  1.322   1.00 29.03 ? 18  LYS A C   1 
ATOM   154 O  O   . LYS A 1 19 ? -9.635  -3.249  1.224   1.00 28.26 ? 18  LYS A O   1 
ATOM   155 C  CB  . LYS A 1 19 ? -12.831 -3.031  0.956   1.00 32.43 ? 18  LYS A CB  1 
ATOM   156 C  CG  . LYS A 1 19 ? -13.727 -2.381  -0.086  1.00 36.59 ? 18  LYS A CG  1 
ATOM   157 C  CD  . LYS A 1 19 ? -14.747 -1.493  0.593   1.00 40.56 ? 18  LYS A CD  1 
ATOM   158 C  CE  . LYS A 1 19 ? -15.628 -0.798  -0.410  1.00 44.73 ? 18  LYS A CE  1 
ATOM   159 N  NZ  . LYS A 1 19 ? -16.664 0.008   0.295   1.00 47.88 ? 18  LYS A NZ  1 
ATOM   160 N  N   . ILE A 1 20 ? -10.669 -4.952  2.277   1.00 27.73 ? 19  ILE A N   1 
ATOM   161 C  CA  . ILE A 1 20 ? -9.568  -5.153  3.237   1.00 25.98 ? 19  ILE A CA  1 
ATOM   162 C  C   . ILE A 1 20 ? -8.318  -5.575  2.476   1.00 25.52 ? 19  ILE A C   1 
ATOM   163 O  O   . ILE A 1 20 ? -7.220  -5.071  2.748   1.00 24.06 ? 19  ILE A O   1 
ATOM   164 C  CB  . ILE A 1 20 ? -9.929  -6.231  4.288   1.00 25.38 ? 19  ILE A CB  1 
ATOM   165 C  CG1 . ILE A 1 20 ? -10.890 -5.618  5.305   1.00 26.56 ? 19  ILE A CG1 1 
ATOM   166 C  CG2 . ILE A 1 20 ? -8.663  -6.769  5.006   1.00 24.20 ? 19  ILE A CG2 1 
ATOM   167 C  CD1 . ILE A 1 20 ? -11.484 -6.632  6.308   1.00 25.21 ? 19  ILE A CD1 1 
ATOM   168 N  N   . GLU A 1 21 ? -8.480  -6.498  1.534   1.00 23.90 ? 20  GLU A N   1 
ATOM   169 C  CA  . GLU A 1 21 ? -7.364  -6.974  0.717   1.00 24.69 ? 20  GLU A CA  1 
ATOM   170 C  C   . GLU A 1 21 ? -6.765  -5.798  -0.081  1.00 26.56 ? 20  GLU A C   1 
ATOM   171 O  O   . GLU A 1 21 ? -5.542  -5.722  -0.258  1.00 26.55 ? 20  GLU A O   1 
ATOM   172 C  CB  . GLU A 1 21 ? -7.843  -8.086  -0.227  1.00 26.60 ? 20  GLU A CB  1 
ATOM   173 C  CG  . GLU A 1 21 ? -8.186  -9.393  0.508   1.00 27.47 ? 20  GLU A CG  1 
ATOM   174 C  CD  . GLU A 1 21 ? -9.094  -10.329 -0.281  1.00 34.41 ? 20  GLU A CD  1 
ATOM   175 O  OE1 . GLU A 1 21 ? -9.393  -10.027 -1.451  1.00 38.02 ? 20  GLU A OE1 1 
ATOM   176 O  OE2 . GLU A 1 21 ? -9.508  -11.370 0.276   1.00 35.85 ? 20  GLU A OE2 1 
ATOM   177 N  N   . ASN A 1 22 ? -7.616  -4.901  -0.577  1.00 27.35 ? 21  ASN A N   1 
ATOM   178 C  CA  . ASN A 1 22 ? -7.122  -3.731  -1.324  1.00 27.56 ? 21  ASN A CA  1 
ATOM   179 C  C   . ASN A 1 22 ? -6.325  -2.806  -0.396  1.00 28.40 ? 21  ASN A C   1 
ATOM   180 O  O   . ASN A 1 22 ? -5.324  -2.212  -0.807  1.00 27.54 ? 21  ASN A O   1 
ATOM   181 C  CB  . ASN A 1 22 ? -8.290  -2.939  -1.910  1.00 31.47 ? 21  ASN A CB  1 
ATOM   182 C  CG  . ASN A 1 22 ? -8.961  -3.656  -3.063  1.00 32.59 ? 21  ASN A CG  1 
ATOM   183 O  OD1 . ASN A 1 22 ? -10.086 -3.315  -3.450  1.00 37.55 ? 21  ASN A OD1 1 
ATOM   184 N  ND2 . ASN A 1 22 ? -8.285  -4.640  -3.623  1.00 34.73 ? 21  ASN A ND2 1 
ATOM   185 N  N   . GLU A 1 23 ? -6.788  -2.674  0.840   1.00 27.53 ? 22  GLU A N   1 
ATOM   186 C  CA  . GLU A 1 23 ? -6.143  -1.828  1.843   1.00 28.78 ? 22  GLU A CA  1 
ATOM   187 C  C   . GLU A 1 23 ? -4.756  -2.399  2.100   1.00 27.04 ? 22  GLU A C   1 
ATOM   188 O  O   . GLU A 1 23 ? -3.754  -1.670  2.128   1.00 26.38 ? 22  GLU A O   1 
ATOM   189 C  CB  . GLU A 1 23 ? -6.989  -1.845  3.126   1.00 31.59 ? 22  GLU A CB  1 
ATOM   190 C  CG  . GLU A 1 23 ? -6.660  -0.799  4.175   1.00 38.47 ? 22  GLU A CG  1 
ATOM   191 C  CD  . GLU A 1 23 ? -7.860  -0.537  5.090   1.00 42.17 ? 22  GLU A CD  1 
ATOM   192 O  OE1 . GLU A 1 23 ? -8.788  -1.384  5.122   1.00 44.03 ? 22  GLU A OE1 1 
ATOM   193 O  OE2 . GLU A 1 23 ? -7.879  0.510   5.780   1.00 45.05 ? 22  GLU A OE2 1 
ATOM   194 N  N   . ILE A 1 24 ? -4.702  -3.707  2.301   1.00 25.67 ? 23  ILE A N   1 
ATOM   195 C  CA  . ILE A 1 24 ? -3.436  -4.396  2.529   1.00 24.45 ? 23  ILE A CA  1 
ATOM   196 C  C   . ILE A 1 24 ? -2.476  -4.175  1.358   1.00 24.79 ? 23  ILE A C   1 
ATOM   197 O  O   . ILE A 1 24 ? -1.295  -3.954  1.569   1.00 24.11 ? 23  ILE A O   1 
ATOM   198 C  CB  . ILE A 1 24 ? -3.684  -5.913  2.765   1.00 25.13 ? 23  ILE A CB  1 
ATOM   199 C  CG1 . ILE A 1 24 ? -4.311  -6.104  4.161   1.00 26.35 ? 23  ILE A CG1 1 
ATOM   200 C  CG2 . ILE A 1 24 ? -2.367  -6.699  2.653   1.00 25.96 ? 23  ILE A CG2 1 
ATOM   201 C  CD1 . ILE A 1 24 ? -4.880  -7.490  4.392   1.00 28.25 ? 23  ILE A CD1 1 
ATOM   202 N  N   . ALA A 1 25 ? -2.962  -4.219  0.128   1.00 24.36 ? 24  ALA A N   1 
ATOM   203 C  CA  . ALA A 1 25 ? -2.064  -4.021  -1.007  1.00 23.45 ? 24  ALA A CA  1 
ATOM   204 C  C   . ALA A 1 25 ? -1.495  -2.623  -0.976  1.00 23.82 ? 24  ALA A C   1 
ATOM   205 O  O   . ALA A 1 25 ? -0.320  -2.420  -1.299  1.00 25.55 ? 24  ALA A O   1 
ATOM   206 C  CB  . ALA A 1 25 ? -2.809  -4.260  -2.345  1.00 23.70 ? 24  ALA A CB  1 
ATOM   207 N  N   . ARG A 1 26 ? -2.312  -1.653  -0.603  1.00 24.41 ? 25  ARG A N   1 
ATOM   208 C  CA  . ARG A 1 26 ? -1.834  -0.265  -0.552  1.00 24.73 ? 25  ARG A CA  1 
ATOM   209 C  C   . ARG A 1 26 ? -0.780  -0.101  0.552   1.00 25.34 ? 25  ARG A C   1 
ATOM   210 O  O   . ARG A 1 26 ? 0.224   0.613   0.369   1.00 23.63 ? 25  ARG A O   1 
ATOM   211 C  CB  . ARG A 1 26 ? -2.990  0.706   -0.350  1.00 28.05 ? 25  ARG A CB  1 
ATOM   212 C  CG  . ARG A 1 26 ? -3.865  0.820   -1.618  1.00 29.90 ? 25  ARG A CG  1 
ATOM   213 C  CD  . ARG A 1 26 ? -4.826  1.996   -1.531  1.00 34.11 ? 25  ARG A CD  1 
ATOM   214 N  NE  . ARG A 1 26 ? -5.832  1.791   -0.501  1.00 37.74 ? 25  ARG A NE  1 
ATOM   215 C  CZ  . ARG A 1 26 ? -6.953  1.099   -0.688  1.00 38.85 ? 25  ARG A CZ  1 
ATOM   216 N  NH1 . ARG A 1 26 ? -7.211  0.557   -1.872  1.00 40.01 ? 25  ARG A NH1 1 
ATOM   217 N  NH2 . ARG A 1 26 ? -7.801  0.936   0.314   1.00 38.17 ? 25  ARG A NH2 1 
ATOM   218 N  N   . ILE A 1 27 ? -0.983  -0.778  1.680   1.00 22.00 ? 26  ILE A N   1 
ATOM   219 C  CA  . ILE A 1 27 ? -0.024  -0.719  2.796   1.00 22.42 ? 26  ILE A CA  1 
ATOM   220 C  C   . ILE A 1 27 ? 1.289   -1.317  2.338   1.00 22.26 ? 26  ILE A C   1 
ATOM   221 O  O   . ILE A 1 27 ? 2.370   -0.768  2.613   1.00 22.60 ? 26  ILE A O   1 
ATOM   222 C  CB  . ILE A 1 27 ? -0.572  -1.499  4.020   1.00 21.63 ? 26  ILE A CB  1 
ATOM   223 C  CG1 . ILE A 1 27 ? -1.610  -0.629  4.718   1.00 22.78 ? 26  ILE A CG1 1 
ATOM   224 C  CG2 . ILE A 1 27 ? 0.564   -1.921  4.955   1.00 23.10 ? 26  ILE A CG2 1 
ATOM   225 C  CD1 . ILE A 1 27 ? -2.436  -1.400  5.766   1.00 24.76 ? 26  ILE A CD1 1 
ATOM   226 N  N   . LYS A 1 28 ? 1.217   -2.432  1.621   1.00 21.32 ? 27  LYS A N   1 
ATOM   227 C  CA  . LYS A 1 28 ? 2.437   -3.064  1.159   1.00 22.93 ? 27  LYS A CA  1 
ATOM   228 C  C   . LYS A 1 28 ? 3.212   -2.181  0.196   1.00 23.73 ? 27  LYS A C   1 
ATOM   229 O  O   . LYS A 1 28 ? 4.442   -2.157  0.235   1.00 24.03 ? 27  LYS A O   1 
ATOM   230 C  CB  . LYS A 1 28 ? 2.121   -4.414  0.499   1.00 23.27 ? 27  LYS A CB  1 
ATOM   231 C  CG  . LYS A 1 28 ? 1.767   -5.498  1.514   1.00 25.30 ? 27  LYS A CG  1 
ATOM   232 C  CD  . LYS A 1 28 ? 1.121   -6.718  0.861   1.00 30.39 ? 27  LYS A CD  1 
ATOM   233 C  CE  . LYS A 1 28 ? 2.053   -7.459  -0.040  1.00 32.29 ? 27  LYS A CE  1 
ATOM   234 N  NZ  . LYS A 1 28 ? 1.312   -8.559  -0.767  1.00 36.64 ? 27  LYS A NZ  1 
ATOM   235 N  N   . LYS A 1 29 ? 2.514   -1.436  -0.648  1.00 23.69 ? 28  LYS A N   1 
ATOM   236 C  CA  . LYS A 1 29 ? 3.208   -0.536  -1.592  1.00 22.37 ? 28  LYS A CA  1 
ATOM   237 C  C   . LYS A 1 29 ? 3.949   0.563   -0.809  1.00 22.08 ? 28  LYS A C   1 
ATOM   238 O  O   . LYS A 1 29 ? 5.103   0.909   -1.125  1.00 22.01 ? 28  LYS A O   1 
ATOM   239 C  CB  . LYS A 1 29 ? 2.213   0.101   -2.577  1.00 25.98 ? 28  LYS A CB  1 
ATOM   240 C  CG  . LYS A 1 29 ? 1.905   -0.789  -3.760  1.00 30.46 ? 28  LYS A CG  1 
ATOM   241 C  CD  . LYS A 1 29 ? 0.868   -0.142  -4.672  1.00 35.72 ? 28  LYS A CD  1 
ATOM   242 C  CE  . LYS A 1 29 ? 0.884   -0.811  -6.029  1.00 37.98 ? 28  LYS A CE  1 
ATOM   243 N  NZ  . LYS A 1 29 ? 2.227   -0.651  -6.653  1.00 43.49 ? 28  LYS A NZ  1 
ATOM   244 N  N   . LEU A 1 30 ? 3.314   1.108   0.215   1.00 20.54 ? 29  LEU A N   1 
ATOM   245 C  CA  . LEU A 1 30 ? 3.980   2.162   0.984   1.00 20.46 ? 29  LEU A CA  1 
ATOM   246 C  C   . LEU A 1 30 ? 5.130   1.575   1.803   1.00 19.83 ? 29  LEU A C   1 
ATOM   247 O  O   . LEU A 1 30 ? 6.197   2.180   1.905   1.00 19.74 ? 29  LEU A O   1 
ATOM   248 C  CB  . LEU A 1 30 ? 2.983   2.909   1.878   1.00 20.49 ? 29  LEU A CB  1 
ATOM   249 C  CG  . LEU A 1 30 ? 3.587   4.015   2.777   1.00 21.62 ? 29  LEU A CG  1 
ATOM   250 C  CD1 . LEU A 1 30 ? 4.422   4.976   1.953   1.00 20.19 ? 29  LEU A CD1 1 
ATOM   251 C  CD2 . LEU A 1 30 ? 2.483   4.758   3.484   1.00 21.13 ? 29  LEU A CD2 1 
ATOM   252 N  N   . LEU A 1 31 ? 4.926   0.400   2.390   1.00 19.13 ? 30  LEU A N   1 
ATOM   253 C  CA  . LEU A 1 31 ? 5.974   -0.237  3.159   1.00 20.31 ? 30  LEU A CA  1 
ATOM   254 C  C   . LEU A 1 31 ? 7.177   -0.470  2.245   1.00 20.40 ? 30  LEU A C   1 
ATOM   255 O  O   . LEU A 1 31 ? 8.319   -0.237  2.645   1.00 21.72 ? 30  LEU A O   1 
ATOM   256 C  CB  . LEU A 1 31 ? 5.435   -1.551  3.751   1.00 21.69 ? 30  LEU A CB  1 
ATOM   257 C  CG  . LEU A 1 31 ? 6.305   -2.409  4.664   1.00 23.65 ? 30  LEU A CG  1 
ATOM   258 C  CD1 . LEU A 1 31 ? 6.911   -1.586  5.783   1.00 20.84 ? 30  LEU A CD1 1 
ATOM   259 C  CD2 . LEU A 1 31 ? 5.407   -3.531  5.230   1.00 24.10 ? 30  LEU A CD2 1 
ATOM   260 N  N   . GLN A 1 32 ? 6.954   -0.909  1.006   1.00 21.61 ? 31  GLN A N   1 
ATOM   261 C  CA  . GLN A 1 32 ? 8.090   -1.118  0.124   1.00 21.47 ? 31  GLN A CA  1 
ATOM   262 C  C   . GLN A 1 32 ? 8.791   0.210   -0.190  1.00 20.50 ? 31  GLN A C   1 
ATOM   263 O  O   . GLN A 1 32 ? 10.025  0.235   -0.341  1.00 22.31 ? 31  GLN A O   1 
ATOM   264 C  CB  . GLN A 1 32 ? 7.658   -1.853  -1.142  1.00 23.82 ? 31  GLN A CB  1 
ATOM   265 C  CG  . GLN A 1 32 ? 7.266   -3.301  -0.800  1.00 27.97 ? 31  GLN A CG  1 
ATOM   266 C  CD  . GLN A 1 32 ? 8.459   -4.133  -0.351  1.00 29.74 ? 31  GLN A CD  1 
ATOM   267 O  OE1 . GLN A 1 32 ? 8.332   -5.034  0.482   1.00 32.79 ? 31  GLN A OE1 1 
ATOM   268 N  NE2 . GLN A 1 32 ? 9.632   -3.835  -0.916  1.00 32.82 ? 31  GLN A NE2 1 
ATOM   269 N  N   . LEU A 1 33 ? 8.050   1.308   -0.269  1.00 19.27 ? 32  LEU A N   1 
ATOM   270 C  CA  . LEU A 1 33 ? 8.721   2.604   -0.484  1.00 19.52 ? 32  LEU A CA  1 
ATOM   271 C  C   . LEU A 1 33 ? 9.605   2.932   0.743   1.00 19.20 ? 32  LEU A C   1 
ATOM   272 O  O   . LEU A 1 33 ? 10.724  3.456   0.599   1.00 19.60 ? 32  LEU A O   1 
ATOM   273 C  CB  . LEU A 1 33 ? 7.713   3.745   -0.670  1.00 20.26 ? 32  LEU A CB  1 
ATOM   274 C  CG  . LEU A 1 33 ? 7.040   3.802   -2.049  1.00 20.68 ? 32  LEU A CG  1 
ATOM   275 C  CD1 . LEU A 1 33 ? 5.857   4.743   -2.046  1.00 21.69 ? 32  LEU A CD1 1 
ATOM   276 C  CD2 . LEU A 1 33 ? 8.106   4.299   -3.043  1.00 24.46 ? 32  LEU A CD2 1 
ATOM   277 N  N   . THR A 1 34 ? 9.108   2.638   1.948   1.00 18.41 ? 33  THR A N   1 
ATOM   278 C  CA  . THR A 1 34 ? 9.937   2.973   3.114   1.00 18.62 ? 33  THR A CA  1 
ATOM   279 C  C   . THR A 1 34 ? 11.202  2.129   3.171   1.00 17.69 ? 33  THR A C   1 
ATOM   280 O  O   . THR A 1 34 ? 12.267  2.632   3.598   1.00 17.88 ? 33  THR A O   1 
ATOM   281 C  CB  . THR A 1 34 ? 9.218   2.848   4.475   1.00 18.82 ? 33  THR A CB  1 
ATOM   282 O  OG1 . THR A 1 34 ? 8.744   1.512   4.663   1.00 19.87 ? 33  THR A OG1 1 
ATOM   283 C  CG2 . THR A 1 34 ? 8.036   3.815   4.534   1.00 18.99 ? 33  THR A CG2 1 
ATOM   284 N  N   . VAL A 1 35 ? 11.093  0.858   2.760   1.00 18.38 ? 34  VAL A N   1 
ATOM   285 C  CA  . VAL A 1 35 ? 12.248  -0.027  2.712   1.00 17.99 ? 34  VAL A CA  1 
ATOM   286 C  C   . VAL A 1 35 ? 13.282  0.602   1.746   1.00 18.31 ? 34  VAL A C   1 
ATOM   287 O  O   . VAL A 1 35 ? 14.498  0.665   2.058   1.00 19.04 ? 34  VAL A O   1 
ATOM   288 C  CB  . VAL A 1 35 ? 11.812  -1.447  2.209   1.00 17.84 ? 34  VAL A CB  1 
ATOM   289 C  CG1 . VAL A 1 35 ? 13.043  -2.307  1.883   1.00 20.64 ? 34  VAL A CG1 1 
ATOM   290 C  CG2 . VAL A 1 35 ? 10.981  -2.142  3.315   1.00 19.84 ? 34  VAL A CG2 1 
ATOM   291 N  N   . TRP A 1 36 ? 12.800  1.058   0.581   1.00 18.04 ? 35  TRP A N   1 
ATOM   292 C  CA  . TRP A 1 36 ? 13.675  1.697   -0.402  1.00 19.27 ? 35  TRP A CA  1 
ATOM   293 C  C   . TRP A 1 36 ? 14.315  2.969   0.152   1.00 18.30 ? 35  TRP A C   1 
ATOM   294 O  O   . TRP A 1 36 ? 15.505  3.207   -0.053  1.00 18.78 ? 35  TRP A O   1 
ATOM   295 C  CB  . TRP A 1 36 ? 12.879  2.034   -1.680  1.00 20.83 ? 35  TRP A CB  1 
ATOM   296 C  CG  . TRP A 1 36 ? 13.712  2.680   -2.769  1.00 23.17 ? 35  TRP A CG  1 
ATOM   297 C  CD1 . TRP A 1 36 ? 14.378  2.036   -3.762  1.00 23.89 ? 35  TRP A CD1 1 
ATOM   298 C  CD2 . TRP A 1 36 ? 13.949  4.079   -2.954  1.00 22.99 ? 35  TRP A CD2 1 
ATOM   299 N  NE1 . TRP A 1 36 ? 15.019  2.954   -4.572  1.00 24.68 ? 35  TRP A NE1 1 
ATOM   300 C  CE2 . TRP A 1 36 ? 14.784  4.211   -4.095  1.00 24.78 ? 35  TRP A CE2 1 
ATOM   301 C  CE3 . TRP A 1 36 ? 13.556  5.232   -2.271  1.00 23.17 ? 35  TRP A CE3 1 
ATOM   302 C  CZ2 . TRP A 1 36 ? 15.224  5.457   -4.559  1.00 25.65 ? 35  TRP A CZ2 1 
ATOM   303 C  CZ3 . TRP A 1 36 ? 14.000  6.477   -2.727  1.00 24.94 ? 35  TRP A CZ3 1 
ATOM   304 C  CH2 . TRP A 1 36 ? 14.833  6.574   -3.865  1.00 25.63 ? 35  TRP A CH2 1 
ATOM   305 N  N   . GLY A 1 37 ? 13.526  3.774   0.871   1.00 16.54 ? 36  GLY A N   1 
ATOM   306 C  CA  . GLY A 1 37 ? 14.028  5.012   1.455   1.00 16.90 ? 36  GLY A CA  1 
ATOM   307 C  C   . GLY A 1 37 ? 15.135  4.774   2.492   1.00 16.62 ? 36  GLY A C   1 
ATOM   308 O  O   . GLY A 1 37 ? 16.152  5.477   2.514   1.00 17.66 ? 36  GLY A O   1 
ATOM   309 N  N   . ILE A 1 38 ? 14.951  3.774   3.348   1.00 16.66 ? 37  ILE A N   1 
ATOM   310 C  CA  . ILE A 1 38 ? 15.975  3.477   4.337   1.00 16.03 ? 37  ILE A CA  1 
ATOM   311 C  C   . ILE A 1 38 ? 17.241  2.988   3.601   1.00 16.98 ? 37  ILE A C   1 
ATOM   312 O  O   . ILE A 1 38 ? 18.351  3.382   3.977   1.00 17.65 ? 37  ILE A O   1 
ATOM   313 C  CB  . ILE A 1 38 ? 15.448  2.386   5.289   1.00 15.85 ? 37  ILE A CB  1 
ATOM   314 C  CG1 . ILE A 1 38 ? 14.302  2.972   6.104   1.00 15.83 ? 37  ILE A CG1 1 
ATOM   315 C  CG2 . ILE A 1 38 ? 16.562  1.864   6.222   1.00 17.83 ? 37  ILE A CG2 1 
ATOM   316 C  CD1 . ILE A 1 38 ? 13.494  1.859   6.843   1.00 16.86 ? 37  ILE A CD1 1 
ATOM   317 N  N   . LYS A 1 39 ? 17.053  2.128   2.593   1.00 17.34 ? 38  LYS A N   1 
ATOM   318 C  CA  . LYS A 1 39 ? 18.206  1.606   1.835   1.00 17.43 ? 38  LYS A CA  1 
ATOM   319 C  C   . LYS A 1 39 ? 18.956  2.756   1.189   1.00 18.43 ? 38  LYS A C   1 
ATOM   320 O  O   . LYS A 1 39 ? 20.196  2.777   1.188   1.00 18.95 ? 38  LYS A O   1 
ATOM   321 C  CB  . LYS A 1 39 ? 17.723  0.607   0.777   1.00 19.90 ? 38  LYS A CB  1 
ATOM   322 C  CG  . LYS A 1 39 ? 18.861  -0.261  0.183   1.00 22.36 ? 38  LYS A CG  1 
ATOM   323 C  CD  . LYS A 1 39 ? 18.263  -1.271  -0.786  1.00 28.28 ? 38  LYS A CD  1 
ATOM   324 C  CE  . LYS A 1 39 ? 19.273  -2.354  -1.132  1.00 30.90 ? 38  LYS A CE  1 
ATOM   325 N  NZ  . LYS A 1 39 ? 18.563  -3.480  -1.811  1.00 34.63 ? 38  LYS A NZ  1 
ATOM   326 N  N   . GLN A 1 40 ? 18.206  3.733   0.670   1.00 17.47 ? 39  GLN A N   1 
ATOM   327 C  CA  . GLN A 1 40 ? 18.826  4.903   0.037   1.00 20.15 ? 39  GLN A CA  1 
ATOM   328 C  C   . GLN A 1 40 ? 19.628  5.758   1.033   1.00 18.67 ? 39  GLN A C   1 
ATOM   329 O  O   . GLN A 1 40 ? 20.778  6.189   0.748   1.00 21.62 ? 39  GLN A O   1 
ATOM   330 C  CB  . GLN A 1 40 ? 17.735  5.756   -0.603  1.00 22.24 ? 39  GLN A CB  1 
ATOM   331 C  CG  . GLN A 1 40 ? 17.266  5.183   -1.904  1.00 28.93 ? 39  GLN A CG  1 
ATOM   332 C  CD  . GLN A 1 40 ? 18.376  5.220   -2.961  1.00 30.88 ? 39  GLN A CD  1 
ATOM   333 O  OE1 . GLN A 1 40 ? 18.563  4.276   -3.700  1.00 37.20 ? 39  GLN A OE1 1 
ATOM   334 N  NE2 . GLN A 1 40 ? 19.093  6.332   -3.026  1.00 35.68 ? 39  GLN A NE2 1 
ATOM   335 N  N   . LEU A 1 41 ? 19.043  6.009   2.206   1.00 17.74 ? 40  LEU A N   1 
ATOM   336 C  CA  . LEU A 1 41 ? 19.736  6.804   3.220   1.00 18.52 ? 40  LEU A CA  1 
ATOM   337 C  C   . LEU A 1 41 ? 21.021  6.089   3.626   1.00 18.45 ? 40  LEU A C   1 
ATOM   338 O  O   . LEU A 1 41 ? 22.074  6.703   3.726   1.00 19.35 ? 40  LEU A O   1 
ATOM   339 C  CB  . LEU A 1 41 ? 18.874  7.016   4.458   1.00 20.52 ? 40  LEU A CB  1 
ATOM   340 C  CG  . LEU A 1 41 ? 17.700  7.983   4.204   1.00 22.63 ? 40  LEU A CG  1 
ATOM   341 C  CD1 . LEU A 1 41 ? 16.849  8.041   5.440   1.00 23.83 ? 40  LEU A CD1 1 
ATOM   342 C  CD2 . LEU A 1 41 ? 18.233  9.387   3.870   1.00 26.57 ? 40  LEU A CD2 1 
ATOM   343 N  N   . GLN A 1 42 ? 20.918  4.788   3.880   1.00 16.91 ? 41  GLN A N   1 
ATOM   344 C  CA  . GLN A 1 42 ? 22.104  4.030   4.267   1.00 17.74 ? 41  GLN A CA  1 
ATOM   345 C  C   . GLN A 1 42 ? 23.196  4.093   3.188   1.00 19.45 ? 41  GLN A C   1 
ATOM   346 O  O   . GLN A 1 42 ? 24.368  4.321   3.516   1.00 21.00 ? 41  GLN A O   1 
ATOM   347 C  CB  . GLN A 1 42 ? 21.714  2.566   4.501   1.00 17.65 ? 41  GLN A CB  1 
ATOM   348 C  CG  . GLN A 1 42 ? 22.891  1.736   5.082   1.00 19.64 ? 41  GLN A CG  1 
ATOM   349 C  CD  . GLN A 1 42 ? 22.592  0.263   5.058   1.00 21.31 ? 41  GLN A CD  1 
ATOM   350 O  OE1 . GLN A 1 42 ? 21.935  -0.233  4.143   1.00 21.51 ? 41  GLN A OE1 1 
ATOM   351 N  NE2 . GLN A 1 42 ? 23.087  -0.461  6.057   1.00 24.50 ? 41  GLN A NE2 1 
ATOM   352 N  N   . ALA A 1 43 ? 22.818  3.915   1.923   1.00 19.66 ? 42  ALA A N   1 
ATOM   353 C  CA  . ALA A 1 43 ? 23.825  3.926   0.852   1.00 20.32 ? 42  ALA A CA  1 
ATOM   354 C  C   . ALA A 1 43 ? 24.435  5.278   0.617   1.00 22.46 ? 42  ALA A C   1 
ATOM   355 O  O   . ALA A 1 43 ? 25.645  5.393   0.426   1.00 23.19 ? 42  ALA A O   1 
ATOM   356 C  CB  . ALA A 1 43 ? 23.219  3.386   -0.432  1.00 22.86 ? 42  ALA A CB  1 
ATOM   357 N  N   . ARG A 1 44 ? 23.614  6.316   0.669   1.00 21.71 ? 43  ARG A N   1 
ATOM   358 C  CA  . ARG A 1 44 ? 24.105  7.669   0.409   1.00 24.66 ? 43  ARG A CA  1 
ATOM   359 C  C   . ARG A 1 44 ? 24.992  8.197   1.512   1.00 24.77 ? 43  ARG A C   1 
ATOM   360 O  O   . ARG A 1 44 ? 26.003  8.888   1.252   1.00 26.64 ? 43  ARG A O   1 
ATOM   361 C  CB  . ARG A 1 44 ? 22.938  8.648   0.253   1.00 25.79 ? 43  ARG A CB  1 
ATOM   362 C  CG  . ARG A 1 44 ? 23.405  10.041  -0.085  1.00 34.53 ? 43  ARG A CG  1 
ATOM   363 C  CD  . ARG A 1 44 ? 23.386  10.251  -1.581  1.00 39.82 ? 43  ARG A CD  1 
ATOM   364 N  NE  . ARG A 1 44 ? 22.062  10.699  -1.980  1.00 44.29 ? 43  ARG A NE  1 
ATOM   365 C  CZ  . ARG A 1 44 ? 21.599  11.915  -1.716  1.00 46.38 ? 43  ARG A CZ  1 
ATOM   366 N  NH1 . ARG A 1 44 ? 22.368  12.777  -1.066  1.00 48.46 ? 43  ARG A NH1 1 
ATOM   367 N  NH2 . ARG A 1 44 ? 20.381  12.265  -2.096  1.00 48.37 ? 43  ARG A NH2 1 
ATOM   368 N  N   . ILE A 1 45 ? 24.633  7.878   2.747   1.00 22.83 ? 44  ILE A N   1 
ATOM   369 C  CA  . ILE A 1 45 ? 25.362  8.399   3.886   1.00 24.37 ? 44  ILE A CA  1 
ATOM   370 C  C   . ILE A 1 45 ? 26.466  7.505   4.398   1.00 25.14 ? 44  ILE A C   1 
ATOM   371 O  O   . ILE A 1 45 ? 27.609  7.954   4.581   1.00 26.30 ? 44  ILE A O   1 
ATOM   372 C  CB  . ILE A 1 45 ? 24.359  8.722   5.024   1.00 24.30 ? 44  ILE A CB  1 
ATOM   373 C  CG1 . ILE A 1 45 ? 23.320  9.737   4.507   1.00 24.68 ? 44  ILE A CG1 1 
ATOM   374 C  CG2 . ILE A 1 45 ? 25.100  9.312   6.247   1.00 26.15 ? 44  ILE A CG2 1 
ATOM   375 C  CD1 . ILE A 1 45 ? 22.130  9.964   5.420   1.00 28.33 ? 44  ILE A CD1 1 
ATOM   376 N  N   . LEU A 1 46 ? 26.146  6.233   4.591   1.00 25.98 ? 45  LEU A N   1 
ATOM   377 C  CA  . LEU A 1 46 ? 27.116  5.279   5.146   1.00 29.05 ? 45  LEU A CA  1 
ATOM   378 C  C   . LEU A 1 46 ? 27.826  4.368   4.169   1.00 31.26 ? 45  LEU A C   1 
ATOM   379 O  O   . LEU A 1 46 ? 28.874  3.808   4.567   1.00 36.84 ? 45  LEU A O   1 
ATOM   380 C  CB  . LEU A 1 46 ? 26.435  4.430   6.228   1.00 27.59 ? 45  LEU A CB  1 
ATOM   381 C  CG  . LEU A 1 46 ? 25.843  5.198   7.413   1.00 27.13 ? 45  LEU A CG  1 
ATOM   382 C  CD1 . LEU A 1 46 ? 24.982  4.273   8.256   1.00 27.98 ? 45  LEU A CD1 1 
ATOM   383 C  CD2 . LEU A 1 46 ? 26.950  5.838   8.241   1.00 31.21 ? 45  LEU A CD2 1 
ATOM   384 O  OXT . LEU A 1 46 ? 27.357  4.189   3.033   1.00 33.28 ? 45  LEU A OXT 1 
HETATM 385 C  C   . ACE B 2 1  ? 14.967  4.411   -9.026  1.00 39.25 ? 0   ACE D C   1 
HETATM 386 O  O   . ACE B 2 1  ? 15.781  4.475   -8.094  1.00 40.85 ? 0   ACE D O   1 
HETATM 387 C  CH3 . ACE B 2 1  ? 15.450  4.319   -10.443 1.00 40.57 ? 0   ACE D CH3 1 
ATOM   388 N  N   . GLY B 2 2  ? 13.649  4.427   -8.854  1.00 37.15 ? 1   GLY D N   1 
ATOM   389 C  CA  . GLY B 2 2  ? 13.057  4.493   -7.528  1.00 33.67 ? 1   GLY D CA  1 
ATOM   390 C  C   . GLY B 2 2  ? 12.660  5.874   -7.027  1.00 30.33 ? 1   GLY D C   1 
ATOM   391 O  O   . GLY B 2 2  ? 13.049  6.914   -7.565  1.00 28.38 ? 1   GLY D O   1 
HETATM 392 N  N   . DAL B 2 3  ? 11.834  5.883   -5.992  1.00 28.47 ? 2   DAL D N   1 
HETATM 393 C  CA  . DAL B 2 3  ? 11.388  7.117   -5.360  1.00 27.33 ? 2   DAL D CA  1 
HETATM 394 C  CB  . DAL B 2 3  ? 10.534  6.782   -4.130  1.00 27.53 ? 2   DAL D CB  1 
HETATM 395 C  C   . DAL B 2 3  ? 10.583  8.037   -6.263  1.00 26.85 ? 2   DAL D C   1 
HETATM 396 O  O   . DAL B 2 3  ? 10.408  9.211   -5.938  1.00 27.48 ? 2   DAL D O   1 
HETATM 397 N  N   . DCY B 2 4  ? 10.061  7.484   -7.353  1.00 27.50 ? 3   DCY D N   1 
HETATM 398 C  CA  . DCY B 2 4  ? 9.239   8.269   -8.267  1.00 29.54 ? 3   DCY D CA  1 
HETATM 399 C  C   . DCY B 2 4  ? 10.012  8.698   -9.498  1.00 28.99 ? 3   DCY D C   1 
HETATM 400 O  O   . DCY B 2 4  ? 9.455   9.378   -10.353 1.00 29.76 ? 3   DCY D O   1 
HETATM 401 C  CB  . DCY B 2 4  ? 8.017   7.458   -8.707  1.00 31.01 ? 3   DCY D CB  1 
HETATM 402 S  SG  . DCY B 2 4  ? 6.984   6.886   -7.328  1.00 38.48 ? 3   DCY D SG  1 
ATOM   403 N  N   . GLY B 2 5  ? 11.286  8.329   -9.578  1.00 27.40 ? 4   GLY D N   1 
ATOM   404 C  CA  . GLY B 2 5  ? 12.078  8.701   -10.748 1.00 26.11 ? 4   GLY D CA  1 
ATOM   405 C  C   . GLY B 2 5  ? 12.511  10.158  -10.708 1.00 25.73 ? 4   GLY D C   1 
ATOM   406 O  O   . GLY B 2 5  ? 12.836  10.688  -9.637  1.00 24.88 ? 4   GLY D O   1 
HETATM 407 N  N   . DLE B 2 6  ? 12.581  10.829  -11.867 1.00 24.55 ? 5   DLE D N   1 
HETATM 408 C  CA  . DLE B 2 6  ? 12.968  12.233  -11.867 1.00 24.93 ? 5   DLE D CA  1 
HETATM 409 C  CB  . DLE B 2 6  ? 12.796  12.832  -13.279 1.00 27.60 ? 5   DLE D CB  1 
HETATM 410 C  CG  . DLE B 2 6  ? 11.373  12.744  -13.835 1.00 27.07 ? 5   DLE D CG  1 
HETATM 411 C  CD1 . DLE B 2 6  ? 11.360  13.407  -15.202 1.00 29.18 ? 5   DLE D CD1 1 
HETATM 412 C  CD2 . DLE B 2 6  ? 10.345  13.417  -12.899 1.00 28.58 ? 5   DLE D CD2 1 
HETATM 413 C  C   . DLE B 2 6  ? 14.387  12.500  -11.361 1.00 26.81 ? 5   DLE D C   1 
HETATM 414 O  O   . DLE B 2 6  ? 14.697  13.617  -10.967 1.00 29.63 ? 5   DLE D O   1 
ATOM   415 N  N   . GLY B 2 7  ? 15.241  11.487  -11.394 1.00 28.26 ? 6   GLY D N   1 
ATOM   416 C  CA  . GLY B 2 7  ? 16.598  11.679  -10.889 1.00 30.08 ? 6   GLY D CA  1 
ATOM   417 C  C   . GLY B 2 7  ? 16.675  11.577  -9.374  1.00 32.23 ? 6   GLY D C   1 
ATOM   418 O  O   . GLY B 2 7  ? 17.747  11.749  -8.778  1.00 32.61 ? 6   GLY D O   1 
HETATM 419 N  N   . DGN B 2 8  ? 15.530  11.296  -8.763  1.00 32.06 ? 7   DGN D N   1 
HETATM 420 C  CA  . DGN B 2 8  ? 15.418  11.140  -7.305  1.00 31.82 ? 7   DGN D CA  1 
HETATM 421 C  C   . DGN B 2 8  ? 14.366  12.118  -6.793  1.00 30.84 ? 7   DGN D C   1 
HETATM 422 O  O   . DGN B 2 8  ? 13.550  11.808  -5.914  1.00 30.40 ? 7   DGN D O   1 
HETATM 423 C  CB  . DGN B 2 8  ? 15.001  9.690   -6.967  1.00 32.94 ? 7   DGN D CB  1 
HETATM 424 C  CG  . DGN B 2 8  ? 16.059  8.612   -7.171  1.00 36.25 ? 7   DGN D CG  1 
HETATM 425 C  CD  . DGN B 2 8  ? 16.270  8.184   -8.617  1.00 37.71 ? 7   DGN D CD  1 
HETATM 426 O  OE1 . DGN B 2 8  ? 17.306  8.490   -9.226  1.00 42.37 ? 7   DGN D OE1 1 
HETATM 427 N  NE2 . DGN B 2 8  ? 15.303  7.459   -9.171  1.00 38.75 ? 7   DGN D NE2 1 
HETATM 428 N  N   . DGL B 2 9  ? 14.380  13.330  -7.329  1.00 28.85 ? 8   DGL D N   1 
HETATM 429 C  CA  . DGL B 2 9  ? 13.382  14.296  -6.951  1.00 26.65 ? 8   DGL D CA  1 
HETATM 430 C  C   . DGL B 2 9  ? 13.258  14.599  -5.454  1.00 26.80 ? 8   DGL D C   1 
HETATM 431 O  O   . DGL B 2 9  ? 12.189  14.929  -4.984  1.00 26.49 ? 8   DGL D O   1 
HETATM 432 C  CB  . DGL B 2 9  ? 13.590  15.603  -7.746  1.00 28.51 ? 8   DGL D CB  1 
HETATM 433 C  CG  . DGL B 2 9  ? 12.502  16.599  -7.530  1.00 27.95 ? 8   DGL D CG  1 
HETATM 434 C  CD  . DGL B 2 9  ? 12.614  17.345  -6.215  1.00 30.78 ? 8   DGL D CD  1 
HETATM 435 O  OE1 . DGL B 2 9  ? 11.576  17.834  -5.742  1.00 29.38 ? 8   DGL D OE1 1 
HETATM 436 O  OE2 . DGL B 2 9  ? 13.746  17.461  -5.677  1.00 33.57 ? 8   DGL D OE2 1 
HETATM 437 N  N   . DGL B 2 10 ? 14.363  14.503  -4.717  1.00 27.01 ? 9   DGL D N   1 
HETATM 438 C  CA  . DGL B 2 10 ? 14.339  14.769  -3.282  1.00 25.47 ? 9   DGL D CA  1 
HETATM 439 C  C   . DGL B 2 10 ? 13.454  13.797  -2.522  1.00 23.86 ? 9   DGL D C   1 
HETATM 440 O  O   . DGL B 2 10 ? 13.157  14.038  -1.356  1.00 24.60 ? 9   DGL D O   1 
HETATM 441 C  CB  . DGL B 2 10 ? 15.758  14.709  -2.702  1.00 27.44 ? 9   DGL D CB  1 
HETATM 442 C  CG  . DGL B 2 10 ? 16.614  13.578  -3.256  1.00 35.18 ? 9   DGL D CG  1 
HETATM 443 C  CD  . DGL B 2 10 ? 16.900  13.748  -4.753  1.00 37.00 ? 9   DGL D CD  1 
HETATM 444 O  OE1 . DGL B 2 10 ? 16.775  14.880  -5.251  1.00 43.20 ? 9   DGL D OE1 1 
HETATM 445 O  OE2 . DGL B 2 10 ? 17.248  12.769  -5.429  1.00 41.02 ? 9   DGL D OE2 1 
HETATM 446 N  N   . DTR B 2 11 ? 13.047  12.727  -3.181  1.00 20.54 ? 10  DTR D N   1 
HETATM 447 C  CA  . DTR B 2 11 ? 12.181  11.715  -2.577  1.00 19.83 ? 10  DTR D CA  1 
HETATM 448 C  CB  . DTR B 2 11 ? 12.681  10.327  -2.910  1.00 21.17 ? 10  DTR D CB  1 
HETATM 449 C  CG  . DTR B 2 11 ? 13.982  10.023  -2.258  1.00 23.40 ? 10  DTR D CG  1 
HETATM 450 C  CD1 . DTR B 2 11 ? 15.228  10.053  -2.825  1.00 23.89 ? 10  DTR D CD1 1 
HETATM 451 N  NE1 . DTR B 2 11 ? 16.190  9.766   -1.867  1.00 22.93 ? 10  DTR D NE1 1 
HETATM 452 C  CE2 . DTR B 2 11 ? 15.564  9.550   -0.666  1.00 23.17 ? 10  DTR D CE2 1 
HETATM 453 C  CZ2 . DTR B 2 11 ? 16.107  9.236   0.583   1.00 24.30 ? 10  DTR D CZ2 1 
HETATM 454 C  CH2 . DTR B 2 11 ? 15.224  9.071   1.626   1.00 22.34 ? 10  DTR D CH2 1 
HETATM 455 C  CZ3 . DTR B 2 11 ? 13.849  9.211   1.453   1.00 23.31 ? 10  DTR D CZ3 1 
HETATM 456 C  CE3 . DTR B 2 11 ? 13.307  9.524   0.211   1.00 23.02 ? 10  DTR D CE3 1 
HETATM 457 C  CD2 . DTR B 2 11 ? 14.174  9.699   -0.871  1.00 22.49 ? 10  DTR D CD2 1 
HETATM 458 C  C   . DTR B 2 11 ? 10.739  11.809  -3.077  1.00 20.81 ? 10  DTR D C   1 
HETATM 459 O  O   . DTR B 2 11 ? 9.946   10.920  -2.852  1.00 20.97 ? 10  DTR D O   1 
HETATM 460 N  N   . DPN B 2 12 ? 10.420  12.909  -3.751  1.00 21.84 ? 11  DPN D N   1 
HETATM 461 C  CA  . DPN B 2 12 ? 9.077   13.086  -4.291  1.00 24.07 ? 11  DPN D CA  1 
HETATM 462 C  C   . DPN B 2 12 ? 7.977   12.936  -3.220  1.00 23.00 ? 11  DPN D C   1 
HETATM 463 O  O   . DPN B 2 12 ? 6.887   12.430  -3.530  1.00 24.57 ? 11  DPN D O   1 
HETATM 464 C  CB  . DPN B 2 12 ? 8.976   14.467  -4.954  1.00 28.74 ? 11  DPN D CB  1 
HETATM 465 C  CG  . DPN B 2 12 ? 8.880   15.602  -3.972  1.00 31.35 ? 11  DPN D CG  1 
HETATM 466 C  CD1 . DPN B 2 12 ? 7.649   16.194  -3.688  1.00 33.37 ? 11  DPN D CD1 1 
HETATM 467 C  CD2 . DPN B 2 12 ? 10.010  16.043  -3.281  1.00 34.60 ? 11  DPN D CD2 1 
HETATM 468 C  CE1 . DPN B 2 12 ? 7.543   17.191  -2.730  1.00 34.30 ? 11  DPN D CE1 1 
HETATM 469 C  CE2 . DPN B 2 12 ? 9.913   17.052  -2.313  1.00 35.60 ? 11  DPN D CE2 1 
HETATM 470 C  CZ  . DPN B 2 12 ? 8.673   17.624  -2.043  1.00 35.29 ? 11  DPN D CZ  1 
HETATM 471 N  N   . DTR B 2 13 ? 8.249   13.384  -1.991  1.00 22.74 ? 12  DTR D N   1 
HETATM 472 C  CA  . DTR B 2 13 ? 7.285   13.303  -0.889  1.00 22.51 ? 12  DTR D CA  1 
HETATM 473 C  CB  . DTR B 2 13 ? 7.780   14.060  0.357   1.00 22.66 ? 12  DTR D CB  1 
HETATM 474 C  CG  . DTR B 2 13 ? 9.093   13.575  0.899   1.00 20.20 ? 12  DTR D CG  1 
HETATM 475 C  CD1 . DTR B 2 13 ? 10.324  13.980  0.508   1.00 22.44 ? 12  DTR D CD1 1 
HETATM 476 N  NE1 . DTR B 2 13 ? 11.296  13.194  1.102   1.00 21.57 ? 12  DTR D NE1 1 
HETATM 477 C  CE2 . DTR B 2 13 ? 10.684  12.267  1.898   1.00 21.24 ? 12  DTR D CE2 1 
HETATM 478 C  CZ2 . DTR B 2 13 ? 11.241  11.259  2.684   1.00 23.86 ? 12  DTR D CZ2 1 
HETATM 479 C  CH2 . DTR B 2 13 ? 10.375  10.467  3.380   1.00 24.12 ? 12  DTR D CH2 1 
HETATM 480 C  CZ3 . DTR B 2 13 ? 8.980   10.654  3.314   1.00 23.78 ? 12  DTR D CZ3 1 
HETATM 481 C  CE3 . DTR B 2 13 ? 8.426   11.653  2.538   1.00 23.19 ? 12  DTR D CE3 1 
HETATM 482 C  CD2 . DTR B 2 13 ? 9.292   12.480  1.804   1.00 22.17 ? 12  DTR D CD2 1 
HETATM 483 C  C   . DTR B 2 13 ? 7.003   11.852  -0.497  1.00 21.37 ? 12  DTR D C   1 
HETATM 484 O  O   . DTR B 2 13 ? 5.890   11.514  -0.073  1.00 22.61 ? 12  DTR D O   1 
HETATM 485 N  N   . DLE B 2 14 ? 8.023   10.999  -0.613  1.00 21.01 ? 13  DLE D N   1 
HETATM 486 C  CA  . DLE B 2 14 ? 7.849   9.598   -0.290  1.00 20.57 ? 13  DLE D CA  1 
HETATM 487 C  CB  . DLE B 2 14 ? 9.234   8.909   -0.167  1.00 21.71 ? 13  DLE D CB  1 
HETATM 488 C  CG  . DLE B 2 14 ? 9.178   7.414   0.170   1.00 22.89 ? 13  DLE D CG  1 
HETATM 489 C  CD1 . DLE B 2 14 ? 8.364   7.227   1.458   1.00 22.96 ? 13  DLE D CD1 1 
HETATM 490 C  CD2 . DLE B 2 14 ? 10.589  6.866   0.349   1.00 24.12 ? 13  DLE D CD2 1 
HETATM 491 C  C   . DLE B 2 14 ? 6.995   8.957   -1.413  1.00 22.30 ? 13  DLE D C   1 
HETATM 492 O  O   . DLE B 2 14 ? 6.080   8.195   -1.124  1.00 23.50 ? 13  DLE D O   1 
HETATM 493 N  N   . DCY B 2 15 ? 7.330   9.265   -2.680  1.00 22.58 ? 14  DCY D N   1 
HETATM 494 C  CA  . DCY B 2 15 ? 6.582   8.775   -3.840  1.00 24.32 ? 14  DCY D CA  1 
HETATM 495 C  C   . DCY B 2 15 ? 5.108   9.154   -3.662  1.00 23.80 ? 14  DCY D C   1 
HETATM 496 O  O   . DCY B 2 15 ? 4.215   8.323   -3.886  1.00 24.74 ? 14  DCY D O   1 
HETATM 497 C  CB  . DCY B 2 15 ? 7.161   9.426   -5.121  1.00 24.91 ? 14  DCY D CB  1 
HETATM 498 S  SG  . DCY B 2 15 ? 6.124   9.310   -6.632  1.00 31.49 ? 14  DCY D SG  1 
HETATM 499 N  N   . DAL B 2 16 ? 4.861   10.388  -3.231  1.00 22.96 ? 15  DAL D N   1 
HETATM 500 C  CA  . DAL B 2 16 ? 3.485   10.870  -3.056  1.00 24.40 ? 15  DAL D CA  1 
HETATM 501 C  CB  . DAL B 2 16 ? 3.490   12.356  -2.854  1.00 25.52 ? 15  DAL D CB  1 
HETATM 502 C  C   . DAL B 2 16 ? 2.754   10.172  -1.902  1.00 25.27 ? 15  DAL D C   1 
HETATM 503 O  O   . DAL B 2 16 ? 1.523   10.040  -1.935  1.00 27.37 ? 15  DAL D O   1 
HETATM 504 N  N   . DAL B 2 17 ? 3.509   9.730   -0.886  1.00 25.20 ? 16  DAL D N   1 
HETATM 505 C  CA  . DAL B 2 17 ? 2.932   9.033   0.263   1.00 24.34 ? 16  DAL D CA  1 
HETATM 506 C  CB  . DAL B 2 17 ? 3.939   8.964   1.403   1.00 25.27 ? 16  DAL D CB  1 
HETATM 507 C  C   . DAL B 2 17 ? 2.483   7.625   -0.102  1.00 25.33 ? 16  DAL D C   1 
HETATM 508 O  O   . DAL B 2 17 ? 1.573   7.077   0.572   1.00 25.98 ? 16  DAL D O   1 
HETATM 509 O  OXT . DAL B 2 17 ? 3.064   7.040   -1.050  1.00 28.08 ? 16  DAL D OXT 1 
HETATM 510 CL CL  . CL  C 3 .  ? -12.047 -10.598 6.648   0.30 27.53 ? 201 CL  A CL  1 
HETATM 511 O  O   . HOH D 4 .  ? -32.492 -21.314 -2.606  1.00 40.70 ? 202 HOH A O   1 
HETATM 512 O  O   . HOH D 4 .  ? 21.913  0.579   1.608   1.00 26.08 ? 203 HOH A O   1 
HETATM 513 O  O   . HOH D 4 .  ? 0.050   2.988   -1.006  1.00 28.75 ? 204 HOH A O   1 
HETATM 514 O  O   . HOH D 4 .  ? 0.864   -4.227  -3.118  1.00 31.19 ? 205 HOH A O   1 
HETATM 515 O  O   . HOH D 4 .  ? -35.444 -9.400  10.594  1.00 49.80 ? 206 HOH A O   1 
HETATM 516 O  O   . HOH D 4 .  ? 26.939  9.085   -1.448  1.00 39.51 ? 207 HOH A O   1 
HETATM 517 O  O   . HOH D 4 .  ? -15.599 -4.803  -2.645  1.00 37.99 ? 208 HOH A O   1 
HETATM 518 O  O   . HOH D 4 .  ? 22.270  -0.980  -0.648  1.00 39.48 ? 209 HOH A O   1 
HETATM 519 O  O   . HOH D 4 .  ? -32.215 -17.487 -1.986  1.00 54.30 ? 210 HOH A O   1 
HETATM 520 O  O   . HOH D 4 .  ? -25.751 -7.892  -0.388  1.00 33.91 ? 211 HOH A O   1 
HETATM 521 O  O   . HOH D 4 .  ? -19.424 -10.280 -2.907  1.00 44.59 ? 212 HOH A O   1 
HETATM 522 O  O   . HOH D 4 .  ? 5.424   -5.779  1.586   1.00 31.73 ? 213 HOH A O   1 
HETATM 523 O  O   . HOH D 4 .  ? 19.346  9.880   -2.016  1.00 36.22 ? 214 HOH A O   1 
HETATM 524 O  O   . HOH D 4 .  ? 5.978   0.307   -3.606  1.00 29.54 ? 215 HOH A O   1 
HETATM 525 O  O   . HOH D 4 .  ? 24.578  0.717   8.016   1.00 42.83 ? 216 HOH A O   1 
HETATM 526 O  O   . HOH D 4 .  ? -14.575 -14.010 0.545   1.00 36.32 ? 217 HOH A O   1 
HETATM 527 O  O   . HOH D 4 .  ? -9.989  -0.666  0.349   1.00 36.38 ? 218 HOH A O   1 
HETATM 528 O  O   . HOH D 4 .  ? 17.445  2.599   -2.285  1.00 32.95 ? 219 HOH A O   1 
HETATM 529 O  O   . HOH D 4 .  ? -21.159 -15.597 -2.849  1.00 32.40 ? 220 HOH A O   1 
HETATM 530 O  O   . HOH D 4 .  ? -13.977 -11.579 -1.131  1.00 35.13 ? 221 HOH A O   1 
HETATM 531 O  O   . HOH D 4 .  ? 15.202  -4.027  -0.808  1.00 47.45 ? 222 HOH A O   1 
HETATM 532 O  O   . HOH D 4 .  ? -37.510 -11.913 2.474   1.00 61.16 ? 223 HOH A O   1 
HETATM 533 O  O   . HOH D 4 .  ? 0.025   -6.711  -3.094  1.00 46.27 ? 224 HOH A O   1 
HETATM 534 O  O   . HOH D 4 .  ? -2.318  -1.065  -4.136  1.00 41.75 ? 225 HOH A O   1 
HETATM 535 O  O   . HOH D 4 .  ? 28.905  2.625   1.230   1.00 50.75 ? 226 HOH A O   1 
HETATM 536 O  O   . HOH D 4 .  ? -36.861 -9.522  2.517   1.00 60.51 ? 227 HOH A O   1 
HETATM 537 O  O   . HOH D 4 .  ? 5.471   -8.010  3.812   1.00 38.03 ? 228 HOH A O   1 
HETATM 538 O  O   . HOH D 4 .  ? 14.405  -1.678  -1.706  1.00 37.06 ? 229 HOH A O   1 
HETATM 539 O  O   . HOH D 4 .  ? 4.624   1.934   -5.452  1.00 35.33 ? 230 HOH A O   1 
HETATM 540 O  O   . HOH D 4 .  ? -23.073 -4.716  5.342   1.00 57.93 ? 231 HOH A O   1 
HETATM 541 O  O   . HOH D 4 .  ? 5.513   -2.330  -4.298  1.00 33.21 ? 232 HOH A O   1 
HETATM 542 O  O   . HOH D 4 .  ? 8.134   1.418   7.344   0.30 21.49 ? 233 HOH A O   1 
HETATM 543 O  O   . HOH D 4 .  ? 8.159   -6.217  -3.628  1.00 62.13 ? 234 HOH A O   1 
HETATM 544 O  O   . HOH D 4 .  ? 3.004   3.753   -4.481  1.00 34.31 ? 235 HOH A O   1 
HETATM 545 O  O   . HOH D 4 .  ? -4.902  -9.746  1.092   1.00 39.73 ? 236 HOH A O   1 
HETATM 546 O  O   . HOH D 4 .  ? -34.810 -5.944  6.571   1.00 62.96 ? 237 HOH A O   1 
HETATM 547 O  O   . HOH D 4 .  ? -28.912 -9.228  4.929   1.00 36.61 ? 238 HOH A O   1 
HETATM 548 O  O   . HOH D 4 .  ? 3.805   -4.166  -2.951  1.00 34.58 ? 239 HOH A O   1 
HETATM 549 O  O   . HOH D 4 .  ? 24.701  0.785   1.713   1.00 47.91 ? 240 HOH A O   1 
HETATM 550 O  O   . HOH D 4 .  ? -1.378  2.876   -3.414  1.00 39.54 ? 241 HOH A O   1 
HETATM 551 O  O   . HOH D 4 .  ? 11.471  -1.648  -1.888  1.00 35.10 ? 242 HOH A O   1 
HETATM 552 O  O   . HOH D 4 .  ? -37.244 -12.269 -2.040  1.00 59.17 ? 243 HOH A O   1 
HETATM 553 O  O   . HOH D 4 .  ? -30.920 -8.338  3.791   1.00 53.65 ? 244 HOH A O   1 
HETATM 554 O  O   . HOH D 4 .  ? -4.075  -7.863  -0.800  1.00 33.85 ? 245 HOH A O   1 
HETATM 555 O  O   . HOH D 4 .  ? 21.234  7.557   -5.475  1.00 58.98 ? 246 HOH A O   1 
HETATM 556 O  O   . HOH D 4 .  ? 14.604  0.780   -7.392  1.00 58.82 ? 247 HOH A O   1 
HETATM 557 O  O   . HOH D 4 .  ? -7.770  -7.963  -7.357  1.00 62.31 ? 248 HOH A O   1 
HETATM 558 O  O   . HOH D 4 .  ? -24.240 -8.237  -2.721  1.00 38.61 ? 249 HOH A O   1 
HETATM 559 O  O   . HOH D 4 .  ? -3.741  -6.341  -5.424  1.00 63.02 ? 250 HOH A O   1 
HETATM 560 O  O   . HOH D 4 .  ? 4.964   -6.057  -1.540  1.00 37.37 ? 251 HOH A O   1 
HETATM 561 O  O   . HOH D 4 .  ? -15.292 -12.440 -3.630  1.00 54.54 ? 252 HOH A O   1 
HETATM 562 O  O   . HOH D 4 .  ? -31.700 -9.758  8.865   1.00 52.29 ? 253 HOH A O   1 
HETATM 563 O  O   . HOH D 4 .  ? -35.380 -11.942 3.565   1.00 45.62 ? 254 HOH A O   1 
HETATM 564 O  O   . HOH D 4 .  ? -4.726  -13.173 0.995   1.00 56.67 ? 255 HOH A O   1 
HETATM 565 O  O   . HOH D 4 .  ? -6.457  -6.702  -3.574  1.00 54.34 ? 256 HOH A O   1 
HETATM 566 O  O   . HOH D 4 .  ? -18.624 -15.381 -4.779  1.00 50.79 ? 257 HOH A O   1 
HETATM 567 O  O   . HOH D 4 .  ? 0.747   2.393   -10.491 1.00 57.45 ? 258 HOH A O   1 
HETATM 568 O  O   . HOH D 4 .  ? -11.435 -12.052 -1.379  1.00 53.86 ? 259 HOH A O   1 
HETATM 569 O  O   . HOH D 4 .  ? -1.473  -7.676  -1.415  1.00 45.56 ? 260 HOH A O   1 
HETATM 570 O  O   . HOH D 4 .  ? 3.841   -9.368  2.675   1.00 58.65 ? 261 HOH A O   1 
HETATM 571 O  O   . HOH D 4 .  ? 15.901  -1.531  -3.860  1.00 51.64 ? 262 HOH A O   1 
HETATM 572 O  O   . HOH D 4 .  ? -4.788  -8.632  -3.382  1.00 56.20 ? 263 HOH A O   1 
HETATM 573 O  O   . HOH D 4 .  ? 25.462  1.417   -2.114  1.00 65.31 ? 264 HOH A O   1 
HETATM 574 O  O   . HOH D 4 .  ? -27.938 -6.937  4.527   1.00 49.19 ? 265 HOH A O   1 
HETATM 575 O  O   . HOH D 4 .  ? -20.849 -6.707  8.681   1.00 55.67 ? 266 HOH A O   1 
HETATM 576 O  O   . HOH D 4 .  ? 0.238   3.810   -5.715  1.00 50.16 ? 267 HOH A O   1 
HETATM 577 O  O   . HOH D 4 .  ? -4.971  -1.816  -3.790  1.00 48.35 ? 268 HOH A O   1 
HETATM 578 O  O   . HOH D 4 .  ? -27.781 -19.965 6.101   0.30 50.12 ? 269 HOH A O   1 
HETATM 579 O  O   . HOH D 4 .  ? -32.312 -19.539 -0.435  1.00 48.86 ? 270 HOH A O   1 
HETATM 580 O  O   . HOH D 4 .  ? -37.975 -4.413  1.702   1.00 63.25 ? 271 HOH A O   1 
HETATM 581 O  O   . HOH D 4 .  ? -34.918 -16.465 1.946   1.00 44.91 ? 272 HOH A O   1 
HETATM 582 O  O   . HOH D 4 .  ? -12.229 -4.365  -5.817  1.00 51.95 ? 273 HOH A O   1 
HETATM 583 O  O   . HOH D 4 .  ? -11.035 -0.624  -6.099  1.00 60.35 ? 274 HOH A O   1 
HETATM 584 O  O   . HOH D 4 .  ? 3.547   -6.249  -5.679  1.00 60.28 ? 275 HOH A O   1 
HETATM 585 O  O   . HOH D 4 .  ? -9.436  -3.930  -7.413  1.00 57.96 ? 276 HOH A O   1 
HETATM 586 O  O   . HOH D 4 .  ? 11.932  -5.124  -0.711  1.00 50.43 ? 277 HOH A O   1 
HETATM 587 O  O   . HOH D 4 .  ? 17.763  0.661   -4.397  1.00 45.10 ? 278 HOH A O   1 
HETATM 588 O  O   . HOH D 4 .  ? 24.459  5.874   -3.116  1.00 49.69 ? 279 HOH A O   1 
HETATM 589 O  O   . HOH D 4 .  ? 21.949  0.589   -2.580  1.00 49.30 ? 280 HOH A O   1 
HETATM 590 O  O   . HOH D 4 .  ? 2.489   -1.931  7.147   0.30 53.91 ? 281 HOH A O   1 
HETATM 591 O  O   . HOH D 4 .  ? 19.209  15.018  -2.292  1.00 54.10 ? 282 HOH A O   1 
HETATM 592 O  O   . HOH D 4 .  ? 30.182  9.429   -1.937  1.00 52.96 ? 283 HOH A O   1 
HETATM 593 O  O   . HOH D 4 .  ? -17.529 -3.113  1.274   1.00 45.68 ? 284 HOH A O   1 
HETATM 594 O  O   . HOH D 4 .  ? -17.649 -0.876  2.787   1.00 49.93 ? 285 HOH A O   1 
HETATM 595 O  O   . HOH D 4 .  ? -16.252 0.712   4.380   1.00 58.91 ? 286 HOH A O   1 
HETATM 596 O  O   . HOH D 4 .  ? -19.949 -0.497  5.470   1.00 63.41 ? 287 HOH A O   1 
HETATM 597 O  O   . HOH D 4 .  ? -15.665 0.316   -2.905  1.00 64.89 ? 288 HOH A O   1 
HETATM 598 O  O   . HOH D 4 .  ? -13.177 -13.130 -5.902  1.00 59.64 ? 289 HOH A O   1 
HETATM 599 O  O   . HOH D 4 .  ? -15.256 5.023   -2.516  1.00 66.72 ? 290 HOH A O   1 
HETATM 600 O  O   . HOH D 4 .  ? -5.724  1.797   2.853   1.00 52.86 ? 291 HOH A O   1 
HETATM 601 O  O   . HOH D 4 .  ? -1.396  -10.569 -4.979  1.00 55.60 ? 292 HOH A O   1 
HETATM 602 O  O   . HOH D 4 .  ? -4.406  -12.614 -5.596  1.00 62.95 ? 293 HOH A O   1 
HETATM 603 O  O   . HOH D 4 .  ? -9.951  1.659   3.528   1.00 54.37 ? 294 HOH A O   1 
HETATM 604 O  O   . HOH D 4 .  ? 2.897   -4.153  4.041   1.00 62.99 ? 295 HOH A O   1 
HETATM 605 O  O   . HOH D 4 .  ? 9.817   -4.853  -8.251  1.00 60.95 ? 296 HOH A O   1 
HETATM 606 O  O   . HOH D 4 .  ? 6.179   -5.402  -6.513  1.00 57.76 ? 297 HOH A O   1 
HETATM 607 O  O   . HOH D 4 .  ? 8.579   -7.690  -1.472  1.00 64.85 ? 298 HOH A O   1 
HETATM 608 O  O   . HOH D 4 .  ? 19.956  8.453   7.758   0.30 58.38 ? 299 HOH A O   1 
HETATM 609 O  O   . HOH D 4 .  ? 29.878  0.028   -1.859  1.00 62.99 ? 300 HOH A O   1 
HETATM 610 O  O   . HOH D 4 .  ? 24.415  1.024   -5.987  1.00 56.85 ? 301 HOH A O   1 
HETATM 611 O  O   . HOH D 4 .  ? 19.102  -4.821  -5.309  1.00 67.79 ? 302 HOH A O   1 
HETATM 612 O  O   . HOH D 4 .  ? 26.671  0.659   4.602   1.00 52.78 ? 303 HOH A O   1 
HETATM 613 O  O   . HOH D 4 .  ? -29.283 -3.989  4.391   1.00 45.34 ? 304 HOH A O   1 
HETATM 614 O  O   . HOH D 4 .  ? -29.207 -1.588  4.600   1.00 52.87 ? 305 HOH A O   1 
HETATM 615 O  O   . HOH D 4 .  ? -8.090  -14.082 1.134   1.00 48.56 ? 306 HOH A O   1 
HETATM 616 O  O   . HOH D 4 .  ? -1.241  -7.038  -8.219  1.00 51.93 ? 307 HOH A O   1 
HETATM 617 O  O   . HOH E 4 .  ? 11.659  9.091   -14.425 1.00 25.32 ? 17  HOH D O   1 
HETATM 618 O  O   . HOH E 4 .  ? 2.498   4.145   -1.826  1.00 29.11 ? 18  HOH D O   1 
HETATM 619 O  O   . HOH E 4 .  ? 9.645   14.584  -8.044  1.00 58.23 ? 19  HOH D O   1 
HETATM 620 O  O   . HOH E 4 .  ? 18.549  5.531   -8.518  1.00 57.98 ? 20  HOH D O   1 
HETATM 621 O  O   . HOH E 4 .  ? 0.590   8.256   3.013   1.00 35.60 ? 21  HOH D O   1 
HETATM 622 O  O   . HOH E 4 .  ? 4.025   13.084  1.049   1.00 33.66 ? 22  HOH D O   1 
HETATM 623 O  O   . HOH E 4 .  ? 13.531  16.398  -0.188  1.00 43.47 ? 23  HOH D O   1 
HETATM 624 O  O   . HOH E 4 .  ? 0.043   10.954  -4.342  1.00 40.15 ? 24  HOH D O   1 
HETATM 625 O  O   . HOH E 4 .  ? 4.203   5.969   -5.412  1.00 32.02 ? 25  HOH D O   1 
HETATM 626 O  O   . HOH E 4 .  ? 10.217  4.879   -8.853  1.00 38.97 ? 26  HOH D O   1 
HETATM 627 O  O   . HOH E 4 .  ? 1.461   15.249  -4.373  1.00 43.20 ? 27  HOH D O   1 
HETATM 628 O  O   . HOH E 4 .  ? 5.951   4.275   -6.530  1.00 43.08 ? 28  HOH D O   1 
HETATM 629 O  O   . HOH E 4 .  ? 14.803  6.163   -12.333 1.00 47.23 ? 29  HOH D O   1 
HETATM 630 O  O   . HOH E 4 .  ? -0.242  5.181   0.416   1.00 32.40 ? 30  HOH D O   1 
HETATM 631 O  O   . HOH E 4 .  ? 11.015  11.804  -6.644  1.00 35.98 ? 31  HOH D O   1 
HETATM 632 O  O   . HOH E 4 .  ? 13.212  18.759  -3.083  1.00 49.72 ? 32  HOH D O   1 
HETATM 633 O  O   . HOH E 4 .  ? 19.378  11.350  -6.283  1.00 47.96 ? 33  HOH D O   1 
HETATM 634 O  O   . HOH E 4 .  ? 14.156  -1.859  -10.605 1.00 58.76 ? 34  HOH D O   1 
HETATM 635 O  O   . HOH E 4 .  ? 9.507   4.086   -15.996 1.00 62.00 ? 35  HOH D O   1 
HETATM 636 O  O   . HOH E 4 .  ? 0.937   13.005  -5.672  1.00 33.26 ? 36  HOH D O   1 
HETATM 637 O  O   . HOH E 4 .  ? 10.884  17.677  1.174   1.00 49.21 ? 37  HOH D O   1 
HETATM 638 O  O   . HOH E 4 .  ? 13.015  4.694   -13.704 1.00 50.88 ? 38  HOH D O   1 
HETATM 639 O  O   . HOH E 4 .  ? 9.176   0.804   -3.946  1.00 56.47 ? 39  HOH D O   1 
HETATM 640 O  O   . HOH E 4 .  ? 8.274   21.314  -1.812  1.00 51.09 ? 40  HOH D O   1 
HETATM 641 O  O   . HOH E 4 .  ? 4.203   15.700  -3.721  1.00 59.20 ? 41  HOH D O   1 
HETATM 642 O  O   . HOH E 4 .  ? 18.259  3.982   -10.403 1.00 60.61 ? 42  HOH D O   1 
HETATM 643 O  O   . HOH E 4 .  ? 10.844  3.174   -5.331  1.00 38.66 ? 43  HOH D O   1 
HETATM 644 O  O   . HOH E 4 .  ? 0.169   6.566   -3.302  1.00 44.32 ? 44  HOH D O   1 
HETATM 645 O  O   . HOH E 4 .  ? 16.079  18.011  -6.181  1.00 50.95 ? 45  HOH D O   1 
HETATM 646 O  O   . HOH E 4 .  ? 6.207   4.230   -9.906  1.00 60.43 ? 46  HOH D O   1 
HETATM 647 O  O   . HOH E 4 .  ? 15.090  8.923   -12.836 1.00 47.03 ? 47  HOH D O   1 
HETATM 648 O  O   . HOH E 4 .  ? 3.291   11.924  -6.686  1.00 39.42 ? 48  HOH D O   1 
HETATM 649 O  O   . HOH E 4 .  ? 14.228  1.593   -11.226 1.00 55.66 ? 49  HOH D O   1 
HETATM 650 O  O   . HOH E 4 .  ? 11.576  -0.275  -4.699  1.00 54.12 ? 50  HOH D O   1 
HETATM 651 O  O   . HOH E 4 .  ? 20.187  18.056  -7.065  1.00 65.59 ? 51  HOH D O   1 
HETATM 652 O  O   . HOH E 4 .  ? 21.265  -0.759  -13.383 1.00 59.92 ? 52  HOH D O   1 
HETATM 653 O  O   . HOH E 4 .  ? 11.611  -1.759  -13.793 1.00 61.31 ? 53  HOH D O   1 
HETATM 654 O  O   . HOH E 4 .  ? 5.824   20.234  -0.731  1.00 59.63 ? 54  HOH D O   1 
HETATM 655 O  O   . HOH E 4 .  ? 3.893   15.301  -0.315  1.00 55.44 ? 55  HOH D O   1 
HETATM 656 O  O   . HOH E 4 .  ? 7.117   17.827  1.865   1.00 44.53 ? 56  HOH D O   1 
HETATM 657 O  O   . HOH E 4 .  ? -2.086  16.859  -0.948  1.00 50.01 ? 57  HOH D O   1 
HETATM 658 O  O   . HOH E 4 .  ? 1.143   12.669  0.590   1.00 45.70 ? 58  HOH D O   1 
HETATM 659 O  O   . HOH E 4 .  ? 13.495  21.235  0.933   1.00 64.54 ? 59  HOH D O   1 
HETATM 660 O  O   . HOH E 4 .  ? 5.694   17.356  0.094   1.00 49.60 ? 60  HOH D O   1 
HETATM 661 O  O   . HOH E 4 .  ? 1.651   8.824   -5.515  1.00 56.79 ? 61  HOH D O   1 
HETATM 662 O  O   . HOH E 4 .  ? 2.603   7.199   -7.652  1.00 56.36 ? 62  HOH D O   1 
HETATM 663 O  O   . HOH E 4 .  ? -1.352  8.505   -1.019  1.00 54.77 ? 63  HOH D O   1 
HETATM 664 O  O   . HOH E 4 .  ? 8.921   -2.010  -4.752  1.00 56.63 ? 64  HOH D O   1 
# 
